data_1J1N
#
_entry.id   1J1N
#
_cell.length_a   95.630
_cell.length_b   53.881
_cell.length_c   114.924
_cell.angle_alpha   90.00
_cell.angle_beta   107.53
_cell.angle_gamma   90.00
#
_symmetry.space_group_name_H-M   'P 1 21 1'
#
loop_
_entity.id
_entity.type
_entity.pdbx_description
1 polymer AlgQ2
2 branched 'beta-D-mannopyranuronic acid-(1-4)-alpha-D-mannopyranuronic acid-(1-4)-alpha-L-gulopyranuronic acid-(1-4)-alpha-D-mannopyranuronic acid'
3 non-polymer 'CALCIUM ION'
4 water water
#
_entity_poly.entity_id   1
_entity_poly.type   'polypeptide(L)'
_entity_poly.pdbx_seq_one_letter_code
;KEATWVTDKPLTLKIHMHFRDKWVWDENWPVAKESFRLTNVKLQSVANKAATNSQEQFNLMMASGDLPDVVGGDNLKDKF
IQYGQEGAFVPLNKLIDQYAPHIKAFFKSHPEVERAIKAPDGNIYFIPYVPDGVVARGYFIREDWLKKLNLKPPQNIDEL
YTVLKAFKEKDPNGNGKADEVPFIDRHPDEVFRLVNFWGARSSGSDNYMDFYIDNGRVKHPWAETAFRDGMKHVAQWYKE
GLIDKEIFTRKAKAREQMFGGNLGGFTHDWFASTMTFNEGLAKTVPGFKLIPIAPPTNSKGQRWEEDSRQKVRPDGWAIT
VKNKNPVETIKFFDFYFSRPGRDISNFGVPGVTYDIKNGKAVFKDSVLKSPQPVNNQLYDMGAQIPIGFWQDYDYERQWT
TPEAQAGIDMYVKGKYVMPGFEGVNMTREERAIYDKYWADVRTYMYEMGQAWVMGTKDVDKTWDEYQRQLKLRGLYQVLQ
MMQQAYDRQYKN
;
_entity_poly.pdbx_strand_id   A,B
#
# COMPACT_ATOMS: atom_id res chain seq x y z
N LYS A 1 -42.97 -7.70 24.52
CA LYS A 1 -42.35 -9.00 24.91
C LYS A 1 -41.56 -9.62 23.76
N GLU A 2 -40.45 -10.25 24.08
CA GLU A 2 -39.60 -10.90 23.10
C GLU A 2 -39.41 -12.36 23.51
N ALA A 3 -39.20 -13.23 22.52
CA ALA A 3 -39.01 -14.65 22.79
C ALA A 3 -37.79 -14.89 23.67
N THR A 4 -36.83 -13.97 23.62
CA THR A 4 -35.60 -14.08 24.38
C THR A 4 -35.64 -13.47 25.79
N TRP A 5 -36.78 -12.88 26.17
CA TRP A 5 -36.90 -12.29 27.50
C TRP A 5 -36.66 -13.37 28.55
N VAL A 6 -35.94 -13.02 29.62
CA VAL A 6 -35.66 -13.99 30.67
C VAL A 6 -36.55 -13.73 31.88
N THR A 7 -37.27 -12.61 31.84
CA THR A 7 -38.17 -12.24 32.93
C THR A 7 -39.31 -11.38 32.36
N ASP A 8 -40.50 -11.55 32.91
CA ASP A 8 -41.67 -10.80 32.46
C ASP A 8 -41.62 -9.33 32.90
N LYS A 9 -41.08 -9.08 34.07
CA LYS A 9 -40.97 -7.72 34.59
C LYS A 9 -39.52 -7.25 34.48
N PRO A 10 -39.29 -6.06 33.93
CA PRO A 10 -37.93 -5.53 33.77
C PRO A 10 -37.13 -5.60 35.06
N LEU A 11 -35.89 -6.11 34.94
CA LEU A 11 -35.02 -6.25 36.10
C LEU A 11 -33.72 -5.50 35.88
N THR A 12 -33.35 -4.63 36.82
CA THR A 12 -32.09 -3.91 36.70
C THR A 12 -31.11 -4.47 37.72
N LEU A 13 -29.92 -4.82 37.25
CA LEU A 13 -28.88 -5.37 38.10
C LEU A 13 -27.69 -4.41 38.12
N LYS A 14 -27.05 -4.28 39.27
CA LYS A 14 -25.89 -3.42 39.38
C LYS A 14 -24.67 -4.24 38.95
N ILE A 15 -23.85 -3.67 38.06
CA ILE A 15 -22.66 -4.38 37.61
C ILE A 15 -21.40 -3.56 37.79
N HIS A 16 -20.35 -4.19 38.29
CA HIS A 16 -19.08 -3.51 38.39
C HIS A 16 -18.23 -4.17 37.32
N MET A 17 -18.03 -3.47 36.21
CA MET A 17 -17.21 -3.99 35.14
C MET A 17 -16.31 -2.90 34.62
N HIS A 18 -15.04 -2.97 35.00
CA HIS A 18 -14.03 -2.02 34.54
C HIS A 18 -13.04 -2.93 33.85
N PHE A 19 -12.74 -2.67 32.58
CA PHE A 19 -11.85 -3.55 31.86
C PHE A 19 -10.82 -2.89 30.95
N ARG A 20 -9.72 -3.61 30.78
CA ARG A 20 -8.62 -3.20 29.92
C ARG A 20 -8.11 -1.80 30.25
N ASP A 21 -8.22 -1.42 31.52
CA ASP A 21 -7.75 -0.12 32.02
C ASP A 21 -8.33 1.09 31.30
N LYS A 22 -9.49 0.95 30.65
CA LYS A 22 -10.05 2.07 29.90
C LYS A 22 -11.57 2.11 29.79
N TRP A 23 -12.22 0.97 29.88
CA TRP A 23 -13.68 0.94 29.72
C TRP A 23 -14.46 0.47 30.94
N VAL A 24 -15.74 0.79 30.91
CA VAL A 24 -16.69 0.37 31.94
C VAL A 24 -18.00 0.06 31.21
N TRP A 25 -18.83 -0.79 31.79
CA TRP A 25 -20.10 -1.08 31.16
C TRP A 25 -20.86 0.25 31.11
N ASP A 26 -21.52 0.50 29.99
CA ASP A 26 -22.28 1.73 29.84
C ASP A 26 -23.69 1.34 29.42
N GLU A 27 -24.67 1.63 30.27
CA GLU A 27 -26.05 1.28 29.97
C GLU A 27 -26.60 2.04 28.76
N ASN A 28 -25.88 3.09 28.35
CA ASN A 28 -26.29 3.89 27.20
C ASN A 28 -25.66 3.35 25.91
N TRP A 29 -24.80 2.33 26.04
CA TRP A 29 -24.18 1.69 24.89
C TRP A 29 -25.26 1.16 23.97
N PRO A 30 -25.07 1.26 22.66
CA PRO A 30 -26.10 0.73 21.74
C PRO A 30 -26.37 -0.75 22.03
N VAL A 31 -25.30 -1.51 22.25
CA VAL A 31 -25.45 -2.94 22.52
C VAL A 31 -26.11 -3.20 23.87
N ALA A 32 -25.86 -2.30 24.84
CA ALA A 32 -26.46 -2.46 26.17
C ALA A 32 -27.97 -2.28 26.06
N LYS A 33 -28.40 -1.30 25.27
CA LYS A 33 -29.81 -1.01 25.07
C LYS A 33 -30.49 -2.21 24.39
N GLU A 34 -29.82 -2.75 23.38
CA GLU A 34 -30.33 -3.89 22.62
C GLU A 34 -30.41 -5.13 23.50
N SER A 35 -29.42 -5.28 24.39
CA SER A 35 -29.41 -6.41 25.31
C SER A 35 -30.66 -6.32 26.19
N PHE A 36 -30.93 -5.13 26.71
CA PHE A 36 -32.10 -4.92 27.56
C PHE A 36 -33.37 -5.18 26.76
N ARG A 37 -33.41 -4.69 25.53
CA ARG A 37 -34.59 -4.87 24.69
C ARG A 37 -34.91 -6.35 24.49
N LEU A 38 -33.86 -7.15 24.30
CA LEU A 38 -34.02 -8.58 24.05
C LEU A 38 -34.17 -9.49 25.27
N THR A 39 -33.62 -9.09 26.41
CA THR A 39 -33.67 -9.92 27.61
C THR A 39 -34.56 -9.41 28.73
N ASN A 40 -34.84 -8.11 28.71
CA ASN A 40 -35.66 -7.45 29.73
C ASN A 40 -34.85 -7.30 31.01
N VAL A 41 -33.53 -7.41 30.89
CA VAL A 41 -32.63 -7.24 32.02
C VAL A 41 -31.72 -6.07 31.66
N LYS A 42 -31.63 -5.09 32.56
CA LYS A 42 -30.79 -3.92 32.33
C LYS A 42 -29.64 -3.93 33.32
N LEU A 43 -28.44 -3.58 32.85
CA LEU A 43 -27.27 -3.54 33.74
C LEU A 43 -26.88 -2.09 34.00
N GLN A 44 -26.81 -1.74 35.28
CA GLN A 44 -26.45 -0.39 35.70
C GLN A 44 -25.03 -0.40 36.26
N SER A 45 -24.15 0.39 35.65
CA SER A 45 -22.75 0.43 36.08
C SER A 45 -22.54 1.18 37.39
N VAL A 46 -21.74 0.57 38.27
CA VAL A 46 -21.38 1.18 39.55
C VAL A 46 -19.87 1.39 39.59
N ALA A 47 -19.22 1.15 38.45
CA ALA A 47 -17.78 1.31 38.33
C ALA A 47 -17.40 2.77 38.11
N ASN A 48 -16.12 3.09 38.29
CA ASN A 48 -15.61 4.45 38.12
C ASN A 48 -15.03 4.59 36.71
N LYS A 49 -15.80 5.22 35.82
CA LYS A 49 -15.38 5.40 34.44
C LYS A 49 -14.08 6.17 34.24
N ALA A 50 -13.72 7.01 35.21
CA ALA A 50 -12.50 7.80 35.10
C ALA A 50 -11.24 7.07 35.53
N ALA A 51 -11.39 5.92 36.21
CA ALA A 51 -10.26 5.13 36.68
C ALA A 51 -9.51 4.49 35.50
N THR A 52 -8.20 4.31 35.66
CA THR A 52 -7.39 3.72 34.61
C THR A 52 -6.67 2.44 35.02
N ASN A 53 -7.09 1.84 36.13
CA ASN A 53 -6.49 0.59 36.60
C ASN A 53 -7.60 -0.37 36.97
N SER A 54 -7.98 -1.23 36.02
CA SER A 54 -9.07 -2.18 36.21
C SER A 54 -8.92 -3.11 37.39
N GLN A 55 -7.73 -3.67 37.58
CA GLN A 55 -7.52 -4.59 38.69
C GLN A 55 -7.65 -3.86 40.02
N GLU A 56 -7.16 -2.63 40.07
CA GLU A 56 -7.25 -1.82 41.28
C GLU A 56 -8.71 -1.58 41.64
N GLN A 57 -9.53 -1.28 40.64
CA GLN A 57 -10.94 -1.03 40.88
C GLN A 57 -11.66 -2.28 41.38
N PHE A 58 -11.28 -3.45 40.88
CA PHE A 58 -11.90 -4.67 41.34
C PHE A 58 -11.60 -4.84 42.83
N ASN A 59 -10.34 -4.63 43.20
CA ASN A 59 -9.91 -4.76 44.59
C ASN A 59 -10.67 -3.80 45.51
N LEU A 60 -10.80 -2.54 45.08
CA LEU A 60 -11.52 -1.55 45.88
C LEU A 60 -12.98 -1.91 46.05
N MET A 61 -13.61 -2.33 44.96
CA MET A 61 -15.01 -2.72 44.97
C MET A 61 -15.27 -3.90 45.91
N MET A 62 -14.37 -4.87 45.90
CA MET A 62 -14.55 -6.05 46.75
C MET A 62 -14.48 -5.71 48.23
N ALA A 63 -13.82 -4.61 48.56
CA ALA A 63 -13.69 -4.17 49.95
C ALA A 63 -14.60 -3.00 50.29
N SER A 64 -15.51 -2.68 49.37
CA SER A 64 -16.43 -1.56 49.56
C SER A 64 -17.50 -1.81 50.61
N GLY A 65 -17.85 -3.07 50.82
CA GLY A 65 -18.88 -3.39 51.79
C GLY A 65 -20.26 -3.24 51.17
N ASP A 66 -20.28 -3.06 49.85
CA ASP A 66 -21.53 -2.90 49.12
C ASP A 66 -21.37 -3.54 47.75
N LEU A 67 -21.25 -4.87 47.74
CA LEU A 67 -21.07 -5.60 46.50
C LEU A 67 -22.24 -5.41 45.53
N PRO A 68 -21.93 -5.35 44.22
CA PRO A 68 -22.96 -5.18 43.19
C PRO A 68 -23.62 -6.55 42.97
N ASP A 69 -24.38 -6.67 41.89
CA ASP A 69 -25.07 -7.92 41.58
C ASP A 69 -24.23 -8.79 40.64
N VAL A 70 -23.46 -8.14 39.78
CA VAL A 70 -22.62 -8.83 38.81
C VAL A 70 -21.27 -8.14 38.75
N VAL A 71 -20.21 -8.93 38.55
CA VAL A 71 -18.86 -8.38 38.43
C VAL A 71 -18.26 -8.97 37.16
N GLY A 72 -17.74 -8.12 36.30
CA GLY A 72 -17.15 -8.61 35.06
C GLY A 72 -15.87 -7.90 34.68
N GLY A 73 -15.12 -8.48 33.75
CA GLY A 73 -13.89 -7.86 33.31
C GLY A 73 -12.85 -8.84 32.83
N ASP A 74 -11.75 -8.31 32.33
CA ASP A 74 -10.65 -9.12 31.83
C ASP A 74 -9.68 -9.51 32.95
N ASN A 75 -9.02 -10.64 32.75
CA ASN A 75 -8.02 -11.13 33.69
C ASN A 75 -8.49 -11.19 35.13
N LEU A 76 -9.67 -11.76 35.32
CA LEU A 76 -10.26 -11.90 36.65
C LEU A 76 -10.46 -13.36 37.02
N LYS A 77 -10.05 -14.29 36.16
CA LYS A 77 -10.23 -15.71 36.46
C LYS A 77 -9.72 -16.10 37.84
N ASP A 78 -8.46 -15.79 38.13
CA ASP A 78 -7.87 -16.11 39.41
C ASP A 78 -8.63 -15.48 40.57
N LYS A 79 -9.13 -14.26 40.39
CA LYS A 79 -9.88 -13.59 41.44
C LYS A 79 -11.29 -14.17 41.60
N PHE A 80 -11.92 -14.56 40.50
CA PHE A 80 -13.25 -15.16 40.57
C PHE A 80 -13.14 -16.47 41.36
N ILE A 81 -12.09 -17.23 41.07
CA ILE A 81 -11.87 -18.51 41.75
C ILE A 81 -11.53 -18.31 43.22
N GLN A 82 -10.58 -17.44 43.52
CA GLN A 82 -10.19 -17.22 44.91
C GLN A 82 -11.31 -16.61 45.74
N TYR A 83 -11.90 -15.53 45.26
CA TYR A 83 -12.98 -14.87 46.00
C TYR A 83 -14.27 -15.69 45.97
N GLY A 84 -14.43 -16.52 44.95
CA GLY A 84 -15.61 -17.36 44.87
C GLY A 84 -15.54 -18.35 46.03
N GLN A 85 -14.39 -18.99 46.19
CA GLN A 85 -14.21 -19.94 47.28
C GLN A 85 -14.31 -19.25 48.64
N GLU A 86 -13.94 -17.97 48.69
CA GLU A 86 -14.01 -17.24 49.95
C GLU A 86 -15.41 -16.69 50.26
N GLY A 87 -16.34 -16.88 49.32
CA GLY A 87 -17.70 -16.44 49.57
C GLY A 87 -18.25 -15.17 48.94
N ALA A 88 -17.57 -14.63 47.93
CA ALA A 88 -18.04 -13.41 47.29
C ALA A 88 -18.96 -13.67 46.10
N PHE A 89 -18.74 -14.80 45.43
CA PHE A 89 -19.55 -15.17 44.26
C PHE A 89 -20.20 -16.53 44.48
N VAL A 90 -21.40 -16.71 43.91
CA VAL A 90 -22.09 -17.98 44.06
C VAL A 90 -21.67 -18.98 42.99
N PRO A 91 -21.65 -20.27 43.35
CA PRO A 91 -21.27 -21.31 42.37
C PRO A 91 -22.40 -21.36 41.34
N LEU A 92 -22.06 -21.63 40.09
CA LEU A 92 -23.06 -21.66 39.03
C LEU A 92 -23.43 -23.03 38.49
N ASN A 93 -22.78 -24.08 38.99
CA ASN A 93 -23.03 -25.43 38.50
C ASN A 93 -24.50 -25.82 38.36
N LYS A 94 -25.24 -25.77 39.46
CA LYS A 94 -26.64 -26.16 39.43
C LYS A 94 -27.51 -25.17 38.67
N LEU A 95 -27.22 -23.89 38.80
CA LEU A 95 -27.99 -22.87 38.08
C LEU A 95 -27.91 -23.13 36.58
N ILE A 96 -26.72 -23.48 36.11
CA ILE A 96 -26.50 -23.76 34.69
C ILE A 96 -27.30 -24.99 34.26
N ASP A 97 -27.17 -26.08 35.02
CA ASP A 97 -27.87 -27.30 34.69
C ASP A 97 -29.38 -27.13 34.58
N GLN A 98 -29.93 -26.28 35.44
CA GLN A 98 -31.37 -26.06 35.45
C GLN A 98 -31.93 -24.93 34.60
N TYR A 99 -31.16 -23.85 34.46
CA TYR A 99 -31.68 -22.68 33.72
C TYR A 99 -30.88 -22.12 32.55
N ALA A 100 -29.70 -22.68 32.27
CA ALA A 100 -28.88 -22.14 31.19
C ALA A 100 -28.55 -23.22 30.17
N PRO A 101 -29.54 -23.60 29.34
CA PRO A 101 -29.35 -24.64 28.33
C PRO A 101 -28.24 -24.40 27.30
N HIS A 102 -28.05 -23.15 26.88
CA HIS A 102 -27.03 -22.86 25.88
C HIS A 102 -25.63 -23.04 26.47
N ILE A 103 -25.42 -22.54 27.69
CA ILE A 103 -24.13 -22.68 28.36
C ILE A 103 -23.92 -24.16 28.69
N LYS A 104 -24.96 -24.82 29.15
CA LYS A 104 -24.87 -26.23 29.51
C LYS A 104 -24.43 -27.03 28.28
N ALA A 105 -25.07 -26.77 27.15
CA ALA A 105 -24.75 -27.45 25.90
C ALA A 105 -23.33 -27.14 25.47
N PHE A 106 -22.91 -25.89 25.65
CA PHE A 106 -21.56 -25.48 25.27
C PHE A 106 -20.50 -26.22 26.09
N PHE A 107 -20.69 -26.30 27.40
CA PHE A 107 -19.73 -26.98 28.26
C PHE A 107 -19.69 -28.48 27.97
N LYS A 108 -20.82 -29.02 27.52
CA LYS A 108 -20.90 -30.45 27.19
C LYS A 108 -20.03 -30.76 25.98
N SER A 109 -20.02 -29.84 25.02
CA SER A 109 -19.23 -30.01 23.80
C SER A 109 -17.83 -29.46 23.94
N HIS A 110 -17.59 -28.72 25.02
CA HIS A 110 -16.27 -28.14 25.29
C HIS A 110 -15.89 -28.46 26.74
N PRO A 111 -15.82 -29.75 27.09
CA PRO A 111 -15.46 -30.15 28.45
C PRO A 111 -14.13 -29.60 28.96
N GLU A 112 -13.19 -29.37 28.04
CA GLU A 112 -11.88 -28.85 28.42
C GLU A 112 -12.00 -27.43 28.95
N VAL A 113 -12.91 -26.67 28.35
CA VAL A 113 -13.12 -25.29 28.78
C VAL A 113 -13.76 -25.25 30.16
N GLU A 114 -14.73 -26.12 30.39
CA GLU A 114 -15.40 -26.20 31.69
C GLU A 114 -14.41 -26.55 32.79
N ARG A 115 -13.54 -27.51 32.52
CA ARG A 115 -12.56 -27.92 33.53
C ARG A 115 -11.55 -26.81 33.79
N ALA A 116 -11.21 -26.05 32.76
CA ALA A 116 -10.25 -24.96 32.89
C ALA A 116 -10.72 -23.81 33.78
N ILE A 117 -12.03 -23.56 33.80
CA ILE A 117 -12.55 -22.46 34.61
C ILE A 117 -12.96 -22.85 36.02
N LYS A 118 -13.04 -24.15 36.29
CA LYS A 118 -13.45 -24.62 37.60
C LYS A 118 -12.43 -24.37 38.71
N ALA A 119 -12.95 -24.13 39.90
CA ALA A 119 -12.11 -23.89 41.07
C ALA A 119 -11.77 -25.25 41.69
N PRO A 120 -10.78 -25.28 42.59
CA PRO A 120 -10.40 -26.55 43.23
C PRO A 120 -11.59 -27.25 43.92
N ASP A 121 -12.56 -26.47 44.38
CA ASP A 121 -13.72 -27.07 45.04
C ASP A 121 -14.76 -27.60 44.06
N GLY A 122 -14.41 -27.57 42.77
CA GLY A 122 -15.29 -28.08 41.73
C GLY A 122 -16.37 -27.14 41.24
N ASN A 123 -16.44 -25.95 41.82
CA ASN A 123 -17.46 -24.99 41.43
C ASN A 123 -17.05 -24.05 40.30
N ILE A 124 -18.04 -23.66 39.52
CA ILE A 124 -17.88 -22.73 38.41
C ILE A 124 -18.30 -21.39 39.00
N TYR A 125 -17.38 -20.44 39.10
CA TYR A 125 -17.71 -19.14 39.67
C TYR A 125 -17.91 -18.02 38.65
N PHE A 126 -17.66 -18.31 37.39
CA PHE A 126 -17.88 -17.30 36.36
C PHE A 126 -18.11 -17.93 34.99
N ILE A 127 -18.76 -17.17 34.11
CA ILE A 127 -19.00 -17.60 32.74
C ILE A 127 -17.91 -16.84 31.98
N PRO A 128 -17.07 -17.57 31.25
CA PRO A 128 -15.96 -16.97 30.50
C PRO A 128 -16.20 -16.43 29.10
N TYR A 129 -15.24 -15.61 28.68
CA TYR A 129 -15.20 -15.05 27.34
C TYR A 129 -14.49 -16.19 26.59
N VAL A 130 -15.20 -16.77 25.63
CA VAL A 130 -14.67 -17.87 24.82
C VAL A 130 -14.29 -17.35 23.44
N PRO A 131 -12.98 -17.25 23.16
CA PRO A 131 -12.56 -16.76 21.85
C PRO A 131 -12.84 -17.79 20.75
N ASP A 132 -12.91 -17.33 19.51
CA ASP A 132 -13.12 -18.22 18.37
C ASP A 132 -12.04 -17.84 17.36
N GLY A 133 -11.17 -18.79 17.02
CA GLY A 133 -10.09 -18.51 16.10
C GLY A 133 -8.97 -19.52 16.27
N VAL A 134 -7.90 -19.37 15.49
CA VAL A 134 -6.78 -20.29 15.54
C VAL A 134 -5.47 -19.56 15.89
N VAL A 135 -5.11 -18.58 15.07
CA VAL A 135 -3.89 -17.84 15.34
C VAL A 135 -4.26 -16.53 16.04
N ALA A 136 -3.24 -15.89 16.61
CA ALA A 136 -3.44 -14.63 17.29
C ALA A 136 -2.48 -13.62 16.66
N ARG A 137 -1.32 -13.43 17.27
CA ARG A 137 -0.34 -12.49 16.73
C ARG A 137 0.60 -13.10 15.69
N GLY A 138 1.23 -12.22 14.92
CA GLY A 138 2.17 -12.61 13.90
C GLY A 138 3.11 -11.44 13.69
N TYR A 139 4.18 -11.62 12.91
CA TYR A 139 5.14 -10.55 12.66
C TYR A 139 4.80 -9.76 11.40
N PHE A 140 4.93 -8.44 11.49
CA PHE A 140 4.65 -7.55 10.37
C PHE A 140 5.80 -6.56 10.17
N ILE A 141 6.16 -6.31 8.91
CA ILE A 141 7.26 -5.41 8.62
C ILE A 141 6.90 -4.47 7.45
N ARG A 142 7.52 -3.30 7.43
CA ARG A 142 7.28 -2.31 6.39
C ARG A 142 7.88 -2.69 5.03
N GLU A 143 7.05 -3.18 4.13
CA GLU A 143 7.52 -3.57 2.81
C GLU A 143 7.92 -2.36 1.99
N ASP A 144 7.25 -1.23 2.19
CA ASP A 144 7.62 -0.04 1.43
C ASP A 144 9.02 0.39 1.81
N TRP A 145 9.40 0.20 3.07
CA TRP A 145 10.74 0.56 3.51
C TRP A 145 11.76 -0.43 2.96
N LEU A 146 11.38 -1.70 2.86
CA LEU A 146 12.28 -2.71 2.32
C LEU A 146 12.56 -2.38 0.86
N LYS A 147 11.53 -1.95 0.13
CA LYS A 147 11.71 -1.60 -1.26
C LYS A 147 12.62 -0.39 -1.45
N LYS A 148 12.38 0.66 -0.67
CA LYS A 148 13.19 1.87 -0.75
C LYS A 148 14.66 1.61 -0.47
N LEU A 149 14.94 0.74 0.49
CA LEU A 149 16.30 0.41 0.86
C LEU A 149 16.88 -0.79 0.11
N ASN A 150 16.11 -1.32 -0.84
CA ASN A 150 16.55 -2.47 -1.62
C ASN A 150 16.92 -3.66 -0.76
N LEU A 151 16.13 -3.92 0.27
CA LEU A 151 16.39 -5.03 1.17
C LEU A 151 15.31 -6.10 1.04
N LYS A 152 15.69 -7.34 1.33
CA LYS A 152 14.73 -8.43 1.25
C LYS A 152 14.18 -8.72 2.65
N PRO A 153 12.99 -9.33 2.73
CA PRO A 153 12.44 -9.62 4.06
C PRO A 153 13.44 -10.50 4.81
N PRO A 154 13.70 -10.19 6.10
CA PRO A 154 14.64 -10.97 6.90
C PRO A 154 14.19 -12.42 7.13
N GLN A 155 15.08 -13.37 6.84
CA GLN A 155 14.78 -14.80 6.98
C GLN A 155 15.24 -15.41 8.29
N ASN A 156 16.10 -14.71 9.01
CA ASN A 156 16.61 -15.19 10.29
C ASN A 156 16.96 -14.02 11.19
N ILE A 157 17.31 -14.29 12.45
CA ILE A 157 17.62 -13.22 13.38
C ILE A 157 18.81 -12.35 12.98
N ASP A 158 19.78 -12.91 12.28
CA ASP A 158 20.93 -12.13 11.85
C ASP A 158 20.44 -11.10 10.84
N GLU A 159 19.62 -11.55 9.89
CA GLU A 159 19.10 -10.65 8.87
C GLU A 159 18.12 -9.63 9.46
N LEU A 160 17.36 -10.03 10.47
CA LEU A 160 16.41 -9.12 11.09
C LEU A 160 17.16 -7.96 11.72
N TYR A 161 18.23 -8.27 12.43
CA TYR A 161 19.03 -7.23 13.06
C TYR A 161 19.54 -6.25 12.01
N THR A 162 20.06 -6.80 10.91
CA THR A 162 20.57 -5.98 9.82
C THR A 162 19.51 -5.06 9.24
N VAL A 163 18.31 -5.61 9.03
CA VAL A 163 17.21 -4.82 8.48
C VAL A 163 16.73 -3.73 9.45
N LEU A 164 16.58 -4.07 10.71
CA LEU A 164 16.13 -3.08 11.69
C LEU A 164 17.17 -1.97 11.86
N LYS A 165 18.45 -2.32 11.75
CA LYS A 165 19.51 -1.31 11.86
C LYS A 165 19.41 -0.37 10.66
N ALA A 166 19.06 -0.92 9.51
CA ALA A 166 18.92 -0.13 8.29
C ALA A 166 17.74 0.83 8.42
N PHE A 167 16.65 0.36 9.03
CA PHE A 167 15.47 1.20 9.23
C PHE A 167 15.86 2.36 10.13
N LYS A 168 16.68 2.06 11.13
CA LYS A 168 17.13 3.04 12.11
C LYS A 168 18.10 4.08 11.56
N GLU A 169 19.03 3.63 10.72
CA GLU A 169 20.07 4.50 10.19
C GLU A 169 19.98 5.01 8.76
N LYS A 170 19.11 4.44 7.93
CA LYS A 170 19.03 4.88 6.54
C LYS A 170 17.89 5.79 6.10
N ASP A 171 17.24 6.44 7.07
CA ASP A 171 16.16 7.39 6.77
C ASP A 171 15.13 6.90 5.75
N PRO A 172 14.48 5.75 6.01
CA PRO A 172 13.49 5.24 5.07
C PRO A 172 12.24 6.08 4.88
N ASN A 173 11.85 6.86 5.89
CA ASN A 173 10.66 7.70 5.72
C ASN A 173 10.99 8.94 4.89
N GLY A 174 12.28 9.14 4.64
CA GLY A 174 12.75 10.25 3.82
C GLY A 174 12.67 11.68 4.32
N ASN A 175 12.61 11.90 5.63
CA ASN A 175 12.52 13.26 6.14
C ASN A 175 13.86 13.81 6.60
N GLY A 176 14.94 13.16 6.16
CA GLY A 176 16.29 13.60 6.51
C GLY A 176 16.63 13.61 7.99
N LYS A 177 15.91 12.83 8.78
CA LYS A 177 16.16 12.76 10.22
C LYS A 177 16.17 11.33 10.69
N ALA A 178 16.94 11.06 11.75
CA ALA A 178 17.01 9.71 12.29
C ALA A 178 15.91 9.61 13.35
N ASP A 179 14.66 9.56 12.90
CA ASP A 179 13.53 9.48 13.80
C ASP A 179 12.82 8.12 13.76
N GLU A 180 13.22 7.26 12.83
CA GLU A 180 12.60 5.95 12.72
C GLU A 180 12.83 5.11 13.98
N VAL A 181 11.78 4.39 14.38
CA VAL A 181 11.82 3.52 15.55
C VAL A 181 11.49 2.13 15.00
N PRO A 182 12.52 1.31 14.73
CA PRO A 182 12.36 -0.04 14.18
C PRO A 182 11.22 -0.89 14.74
N PHE A 183 11.32 -1.25 16.01
CA PHE A 183 10.29 -2.08 16.64
C PHE A 183 9.40 -1.29 17.60
N ILE A 184 8.09 -1.43 17.41
CA ILE A 184 7.11 -0.77 18.27
C ILE A 184 6.04 -1.81 18.58
N ASP A 185 5.28 -1.62 19.66
CA ASP A 185 4.21 -2.56 19.98
C ASP A 185 3.28 -1.96 21.00
N ARG A 186 1.97 -2.12 20.78
CA ARG A 186 0.99 -1.58 21.72
C ARG A 186 0.96 -2.37 23.03
N HIS A 187 1.52 -3.57 23.03
CA HIS A 187 1.59 -4.36 24.24
C HIS A 187 3.05 -4.39 24.68
N PRO A 188 3.39 -3.68 25.76
CA PRO A 188 4.77 -3.63 26.26
C PRO A 188 5.41 -5.00 26.41
N ASP A 189 4.61 -5.97 26.85
CA ASP A 189 5.07 -7.33 27.08
C ASP A 189 5.71 -8.00 25.86
N GLU A 190 5.38 -7.50 24.67
CA GLU A 190 5.96 -8.06 23.46
C GLU A 190 7.46 -7.82 23.38
N VAL A 191 7.97 -6.85 24.13
CA VAL A 191 9.40 -6.60 24.08
C VAL A 191 10.12 -7.81 24.66
N PHE A 192 9.50 -8.47 25.64
CA PHE A 192 10.11 -9.65 26.24
C PHE A 192 9.97 -10.86 25.33
N ARG A 193 8.91 -10.89 24.54
CA ARG A 193 8.68 -12.01 23.63
C ARG A 193 9.79 -12.02 22.56
N LEU A 194 10.55 -10.94 22.48
CA LEU A 194 11.64 -10.88 21.51
C LEU A 194 12.73 -11.90 21.86
N VAL A 195 12.73 -12.42 23.10
CA VAL A 195 13.75 -13.40 23.47
C VAL A 195 13.56 -14.68 22.67
N ASN A 196 12.39 -14.85 22.04
CA ASN A 196 12.12 -16.03 21.22
C ASN A 196 13.17 -16.11 20.10
N PHE A 197 13.64 -14.95 19.65
CA PHE A 197 14.62 -14.92 18.57
C PHE A 197 15.98 -15.48 18.96
N TRP A 198 16.16 -15.75 20.25
CA TRP A 198 17.41 -16.33 20.73
C TRP A 198 17.13 -17.65 21.44
N GLY A 199 16.05 -18.29 21.03
CA GLY A 199 15.68 -19.59 21.58
C GLY A 199 15.12 -19.68 22.98
N ALA A 200 14.65 -18.57 23.53
CA ALA A 200 14.07 -18.59 24.88
C ALA A 200 12.58 -18.31 24.84
N ARG A 201 11.82 -19.06 25.61
CA ARG A 201 10.37 -18.84 25.68
C ARG A 201 10.16 -17.64 26.59
N SER A 202 9.07 -16.91 26.40
CA SER A 202 8.74 -15.77 27.26
C SER A 202 7.43 -16.08 27.96
N SER A 203 6.69 -17.03 27.40
CA SER A 203 5.40 -17.42 27.96
C SER A 203 4.91 -18.72 27.33
N GLY A 204 4.10 -19.45 28.09
CA GLY A 204 3.57 -20.70 27.57
C GLY A 204 2.25 -20.51 26.83
N SER A 205 1.74 -19.28 26.79
CA SER A 205 0.47 -19.03 26.11
C SER A 205 0.26 -17.58 25.68
N ASP A 206 -0.97 -17.31 25.26
CA ASP A 206 -1.38 -15.98 24.82
C ASP A 206 -1.47 -15.04 26.03
N ASN A 207 -1.40 -15.61 27.23
CA ASN A 207 -1.39 -14.80 28.45
C ASN A 207 0.08 -14.55 28.68
N TYR A 208 0.48 -13.29 28.81
CA TYR A 208 1.89 -12.98 29.00
C TYR A 208 2.45 -13.55 30.30
N MET A 209 3.72 -13.95 30.25
CA MET A 209 4.42 -14.50 31.41
C MET A 209 3.74 -15.75 31.99
N ASP A 210 3.22 -16.60 31.12
CA ASP A 210 2.55 -17.82 31.57
C ASP A 210 3.54 -18.99 31.67
N PHE A 211 3.18 -19.98 32.47
CA PHE A 211 4.02 -21.17 32.64
C PHE A 211 3.93 -22.01 31.38
N TYR A 212 4.84 -22.97 31.23
CA TYR A 212 4.78 -23.88 30.09
C TYR A 212 5.28 -25.26 30.49
N ILE A 213 5.02 -26.25 29.65
CA ILE A 213 5.44 -27.61 29.93
C ILE A 213 6.54 -28.01 28.95
N ASP A 214 7.61 -28.59 29.48
CA ASP A 214 8.73 -29.03 28.65
C ASP A 214 9.03 -30.49 28.99
N ASN A 215 8.57 -31.39 28.12
CA ASN A 215 8.77 -32.82 28.33
C ASN A 215 8.28 -33.27 29.70
N GLY A 216 7.04 -32.90 30.03
CA GLY A 216 6.45 -33.30 31.30
C GLY A 216 6.87 -32.53 32.54
N ARG A 217 7.64 -31.46 32.36
CA ARG A 217 8.09 -30.65 33.49
C ARG A 217 7.51 -29.24 33.41
N VAL A 218 6.85 -28.81 34.50
CA VAL A 218 6.28 -27.46 34.55
C VAL A 218 7.44 -26.50 34.79
N LYS A 219 7.53 -25.45 33.99
CA LYS A 219 8.59 -24.47 34.13
C LYS A 219 8.03 -23.06 33.93
N HIS A 220 8.74 -22.07 34.43
CA HIS A 220 8.32 -20.71 34.15
C HIS A 220 9.45 -20.17 33.28
N PRO A 221 9.12 -19.68 32.08
CA PRO A 221 10.09 -19.14 31.12
C PRO A 221 11.06 -18.09 31.67
N TRP A 222 10.57 -17.21 32.53
CA TRP A 222 11.42 -16.15 33.07
C TRP A 222 12.43 -16.60 34.11
N ALA A 223 12.35 -17.86 34.51
CA ALA A 223 13.28 -18.40 35.51
C ALA A 223 14.43 -19.18 34.90
N GLU A 224 14.36 -19.43 33.59
CA GLU A 224 15.39 -20.20 32.89
C GLU A 224 16.58 -19.41 32.37
N THR A 225 17.74 -20.06 32.33
CA THR A 225 18.97 -19.40 31.86
C THR A 225 18.83 -18.91 30.43
N ALA A 226 18.03 -19.60 29.63
CA ALA A 226 17.83 -19.19 28.24
C ALA A 226 17.27 -17.77 28.22
N PHE A 227 16.43 -17.45 29.21
CA PHE A 227 15.82 -16.12 29.30
C PHE A 227 16.89 -15.08 29.64
N ARG A 228 17.80 -15.45 30.54
CA ARG A 228 18.88 -14.55 30.92
C ARG A 228 19.67 -14.15 29.67
N ASP A 229 20.07 -15.15 28.90
CA ASP A 229 20.86 -14.89 27.70
C ASP A 229 20.07 -14.12 26.64
N GLY A 230 18.79 -14.45 26.49
CA GLY A 230 17.98 -13.75 25.52
C GLY A 230 17.80 -12.30 25.90
N MET A 231 17.63 -12.02 27.20
CA MET A 231 17.45 -10.67 27.67
C MET A 231 18.67 -9.79 27.44
N LYS A 232 19.85 -10.38 27.40
CA LYS A 232 21.06 -9.59 27.15
C LYS A 232 20.94 -9.01 25.73
N HIS A 233 20.41 -9.80 24.81
CA HIS A 233 20.24 -9.35 23.42
C HIS A 233 19.17 -8.26 23.34
N VAL A 234 18.04 -8.47 24.03
CA VAL A 234 16.98 -7.48 23.99
C VAL A 234 17.48 -6.15 24.58
N ALA A 235 18.26 -6.23 25.66
CA ALA A 235 18.81 -5.03 26.30
C ALA A 235 19.71 -4.30 25.30
N GLN A 236 20.51 -5.05 24.55
CA GLN A 236 21.40 -4.44 23.57
C GLN A 236 20.61 -3.74 22.48
N TRP A 237 19.53 -4.38 22.03
CA TRP A 237 18.69 -3.78 20.99
C TRP A 237 18.07 -2.47 21.49
N TYR A 238 17.69 -2.44 22.77
CA TYR A 238 17.09 -1.24 23.32
C TYR A 238 18.15 -0.14 23.40
N LYS A 239 19.36 -0.51 23.81
CA LYS A 239 20.46 0.44 23.93
C LYS A 239 20.78 1.06 22.57
N GLU A 240 20.68 0.25 21.52
CA GLU A 240 20.96 0.71 20.16
C GLU A 240 19.78 1.44 19.53
N GLY A 241 18.69 1.57 20.27
CA GLY A 241 17.53 2.27 19.76
C GLY A 241 16.67 1.53 18.76
N LEU A 242 16.86 0.21 18.65
CA LEU A 242 16.07 -0.57 17.71
C LEU A 242 14.67 -0.80 18.27
N ILE A 243 14.52 -0.58 19.58
CA ILE A 243 13.25 -0.75 20.26
C ILE A 243 12.77 0.60 20.79
N ASP A 244 11.49 0.88 20.58
CA ASP A 244 10.85 2.12 21.04
C ASP A 244 11.29 2.45 22.47
N LYS A 245 11.91 3.60 22.66
CA LYS A 245 12.36 4.01 23.99
C LYS A 245 11.19 4.01 24.98
N GLU A 246 9.99 4.30 24.47
CA GLU A 246 8.80 4.36 25.32
C GLU A 246 7.93 3.10 25.24
N ILE A 247 8.54 1.98 24.87
CA ILE A 247 7.81 0.72 24.75
C ILE A 247 7.00 0.35 26.01
N PHE A 248 7.49 0.72 27.19
CA PHE A 248 6.74 0.38 28.41
C PHE A 248 5.61 1.31 28.78
N THR A 249 5.55 2.49 28.16
CA THR A 249 4.52 3.45 28.49
C THR A 249 3.60 3.92 27.36
N ARG A 250 4.00 3.72 26.10
CA ARG A 250 3.17 4.18 24.99
C ARG A 250 1.84 3.44 25.00
N LYS A 251 1.92 2.12 24.95
CA LYS A 251 0.74 1.26 25.03
C LYS A 251 -0.35 1.28 23.95
N ALA A 252 -1.60 1.28 24.40
CA ALA A 252 -2.80 1.22 23.56
C ALA A 252 -2.78 1.73 22.12
N LYS A 253 -2.42 2.99 21.91
CA LYS A 253 -2.43 3.53 20.55
C LYS A 253 -1.06 3.61 19.89
N ALA A 254 -0.17 2.70 20.26
CA ALA A 254 1.17 2.70 19.70
C ALA A 254 1.16 2.59 18.17
N ARG A 255 0.24 1.80 17.64
CA ARG A 255 0.18 1.65 16.18
C ARG A 255 -0.29 2.94 15.52
N GLU A 256 -1.36 3.53 16.04
CA GLU A 256 -1.88 4.77 15.49
C GLU A 256 -0.80 5.86 15.53
N GLN A 257 -0.09 5.93 16.65
CA GLN A 257 0.96 6.91 16.84
C GLN A 257 2.22 6.68 16.01
N MET A 258 2.80 5.49 16.15
CA MET A 258 4.04 5.18 15.46
C MET A 258 3.93 4.86 13.98
N PHE A 259 2.86 4.18 13.58
CA PHE A 259 2.68 3.90 12.16
C PHE A 259 2.12 5.16 11.52
N GLY A 260 1.19 5.81 12.23
CA GLY A 260 0.60 7.04 11.71
C GLY A 260 1.61 8.16 11.52
N GLY A 261 2.65 8.17 12.36
CA GLY A 261 3.67 9.19 12.27
C GLY A 261 4.83 8.76 11.39
N ASN A 262 4.66 7.62 10.72
CA ASN A 262 5.67 7.03 9.84
C ASN A 262 7.01 6.81 10.52
N LEU A 263 6.98 6.28 11.74
CA LEU A 263 8.18 6.03 12.51
C LEU A 263 8.46 4.54 12.71
N GLY A 264 7.39 3.75 12.88
CA GLY A 264 7.56 2.32 13.13
C GLY A 264 7.76 1.44 11.91
N GLY A 265 8.64 0.46 12.03
CA GLY A 265 8.88 -0.43 10.91
C GLY A 265 8.65 -1.91 11.13
N PHE A 266 8.39 -2.33 12.36
CA PHE A 266 8.23 -3.76 12.65
C PHE A 266 7.45 -3.95 13.95
N THR A 267 6.57 -4.94 14.00
CA THR A 267 5.79 -5.21 15.21
C THR A 267 5.29 -6.66 15.26
N HIS A 268 4.81 -7.08 16.43
CA HIS A 268 4.25 -8.42 16.61
C HIS A 268 2.87 -8.12 17.17
N ASP A 269 1.83 -8.31 16.34
CA ASP A 269 0.47 -7.99 16.75
C ASP A 269 -0.51 -8.87 15.97
N TRP A 270 -1.81 -8.70 16.24
CA TRP A 270 -2.86 -9.49 15.59
C TRP A 270 -3.00 -9.24 14.10
N PHE A 271 -3.23 -10.32 13.34
CA PHE A 271 -3.37 -10.23 11.89
C PHE A 271 -4.45 -9.30 11.35
N ALA A 272 -5.68 -9.46 11.83
CA ALA A 272 -6.79 -8.65 11.35
C ALA A 272 -6.62 -7.15 11.54
N SER A 273 -6.48 -6.71 12.79
CA SER A 273 -6.35 -5.28 13.04
C SER A 273 -5.05 -4.66 12.53
N THR A 274 -3.93 -5.37 12.64
CA THR A 274 -2.68 -4.79 12.21
C THR A 274 -2.66 -4.50 10.71
N MET A 275 -3.30 -5.36 9.93
CA MET A 275 -3.31 -5.15 8.49
C MET A 275 -4.25 -4.02 8.05
N THR A 276 -5.14 -3.58 8.93
CA THR A 276 -6.07 -2.50 8.58
C THR A 276 -5.36 -1.16 8.35
N PHE A 277 -4.15 -1.02 8.90
CA PHE A 277 -3.42 0.22 8.75
C PHE A 277 -2.96 0.52 7.33
N ASN A 278 -2.92 -0.50 6.47
CA ASN A 278 -2.50 -0.27 5.09
C ASN A 278 -3.51 0.62 4.38
N GLU A 279 -4.80 0.37 4.62
CA GLU A 279 -5.86 1.16 4.01
C GLU A 279 -6.07 2.41 4.86
N GLY A 280 -6.02 2.23 6.18
CA GLY A 280 -6.23 3.35 7.09
C GLY A 280 -5.24 4.51 6.98
N LEU A 281 -4.00 4.21 6.62
CA LEU A 281 -2.97 5.23 6.51
C LEU A 281 -2.61 5.56 5.06
N ALA A 282 -3.36 5.00 4.12
CA ALA A 282 -3.09 5.22 2.71
C ALA A 282 -2.94 6.69 2.34
N LYS A 283 -3.77 7.54 2.93
CA LYS A 283 -3.71 8.97 2.63
C LYS A 283 -2.69 9.73 3.47
N THR A 284 -2.70 9.50 4.78
CA THR A 284 -1.79 10.20 5.68
C THR A 284 -0.32 9.77 5.62
N VAL A 285 -0.07 8.53 5.22
CA VAL A 285 1.30 8.04 5.10
C VAL A 285 1.46 7.38 3.73
N PRO A 286 1.67 8.19 2.68
CA PRO A 286 1.82 7.67 1.32
C PRO A 286 2.81 6.52 1.18
N GLY A 287 2.33 5.40 0.62
CA GLY A 287 3.18 4.24 0.41
C GLY A 287 3.22 3.24 1.55
N PHE A 288 2.68 3.62 2.70
CA PHE A 288 2.67 2.74 3.86
C PHE A 288 2.17 1.34 3.51
N LYS A 289 2.99 0.34 3.82
CA LYS A 289 2.60 -1.03 3.53
C LYS A 289 3.26 -2.06 4.45
N LEU A 290 2.46 -2.64 5.32
CA LEU A 290 2.95 -3.67 6.23
C LEU A 290 2.62 -5.00 5.57
N ILE A 291 3.50 -5.97 5.70
CA ILE A 291 3.24 -7.30 5.16
C ILE A 291 3.54 -8.30 6.26
N PRO A 292 2.81 -9.42 6.28
CA PRO A 292 3.11 -10.40 7.33
C PRO A 292 4.33 -11.19 6.86
N ILE A 293 5.18 -11.60 7.80
CA ILE A 293 6.35 -12.39 7.42
C ILE A 293 6.48 -13.55 8.40
N ALA A 294 6.95 -14.68 7.88
CA ALA A 294 7.14 -15.85 8.73
C ALA A 294 8.14 -15.44 9.81
N PRO A 295 8.03 -16.00 11.02
CA PRO A 295 8.98 -15.62 12.07
C PRO A 295 10.41 -15.87 11.62
N PRO A 296 11.27 -14.83 11.66
CA PRO A 296 12.65 -15.08 11.24
C PRO A 296 13.24 -16.20 12.11
N THR A 297 13.96 -17.12 11.48
CA THR A 297 14.57 -18.24 12.19
C THR A 297 15.41 -17.73 13.36
N ASN A 298 15.18 -18.29 14.56
CA ASN A 298 15.93 -17.85 15.72
C ASN A 298 17.38 -18.32 15.74
N SER A 299 18.13 -17.88 16.74
CA SER A 299 19.55 -18.23 16.84
C SER A 299 19.84 -19.71 16.96
N LYS A 300 18.82 -20.49 17.35
CA LYS A 300 18.98 -21.92 17.52
C LYS A 300 18.57 -22.71 16.28
N GLY A 301 17.97 -22.02 15.30
CA GLY A 301 17.57 -22.69 14.08
C GLY A 301 16.09 -23.04 13.95
N GLN A 302 15.25 -22.43 14.77
CA GLN A 302 13.81 -22.69 14.71
C GLN A 302 13.00 -21.42 14.51
N ARG A 303 11.92 -21.52 13.73
CA ARG A 303 11.03 -20.38 13.51
C ARG A 303 9.90 -20.51 14.54
N TRP A 304 9.77 -19.51 15.40
CA TRP A 304 8.78 -19.54 16.47
C TRP A 304 7.70 -18.47 16.48
N GLU A 305 6.45 -18.92 16.66
CA GLU A 305 5.32 -18.00 16.85
C GLU A 305 4.78 -18.52 18.17
N GLU A 306 5.11 -17.82 19.25
CA GLU A 306 4.72 -18.23 20.59
C GLU A 306 3.25 -18.01 20.93
N ASP A 307 2.64 -17.03 20.29
CA ASP A 307 1.23 -16.68 20.53
C ASP A 307 0.26 -17.59 19.77
N SER A 308 -0.92 -17.77 20.35
CA SER A 308 -1.98 -18.58 19.74
C SER A 308 -3.31 -18.14 20.35
N ARG A 309 -4.40 -18.43 19.65
CA ARG A 309 -5.74 -18.07 20.12
C ARG A 309 -6.10 -19.02 21.26
N GLN A 310 -6.51 -18.46 22.40
CA GLN A 310 -6.86 -19.29 23.56
C GLN A 310 -8.22 -19.96 23.39
N LYS A 311 -8.36 -21.16 23.98
CA LYS A 311 -9.63 -21.89 23.93
C LYS A 311 -10.63 -21.15 24.80
N VAL A 312 -10.11 -20.49 25.83
CA VAL A 312 -10.93 -19.71 26.75
C VAL A 312 -9.99 -18.69 27.42
N ARG A 313 -10.43 -17.45 27.55
CA ARG A 313 -9.60 -16.44 28.18
C ARG A 313 -9.96 -16.30 29.65
N PRO A 314 -9.04 -15.73 30.46
CA PRO A 314 -9.27 -15.55 31.89
C PRO A 314 -10.13 -14.32 32.16
N ASP A 315 -11.16 -14.14 31.34
CA ASP A 315 -12.09 -13.03 31.41
C ASP A 315 -13.52 -13.54 31.52
N GLY A 316 -14.43 -12.65 31.95
CA GLY A 316 -15.83 -13.03 32.04
C GLY A 316 -16.57 -12.32 33.17
N TRP A 317 -17.71 -12.89 33.58
CA TRP A 317 -18.45 -12.29 34.68
C TRP A 317 -19.06 -13.31 35.62
N ALA A 318 -19.32 -12.84 36.84
CA ALA A 318 -19.84 -13.70 37.90
C ALA A 318 -21.01 -13.06 38.64
N ILE A 319 -21.73 -13.90 39.38
CA ILE A 319 -22.89 -13.48 40.16
C ILE A 319 -22.45 -13.39 41.63
N THR A 320 -22.62 -12.22 42.24
CA THR A 320 -22.23 -12.06 43.64
C THR A 320 -23.27 -12.71 44.56
N VAL A 321 -22.89 -12.94 45.81
CA VAL A 321 -23.81 -13.56 46.76
C VAL A 321 -24.92 -12.57 47.15
N LYS A 322 -24.72 -11.29 46.87
CA LYS A 322 -25.71 -10.27 47.20
C LYS A 322 -26.79 -10.11 46.13
N ASN A 323 -26.59 -10.75 44.97
CA ASN A 323 -27.56 -10.70 43.87
C ASN A 323 -28.79 -11.48 44.33
N LYS A 324 -29.92 -10.80 44.48
CA LYS A 324 -31.16 -11.44 44.92
C LYS A 324 -31.92 -12.17 43.82
N ASN A 325 -31.42 -12.11 42.61
CA ASN A 325 -32.05 -12.75 41.45
C ASN A 325 -31.08 -13.64 40.68
N PRO A 326 -30.52 -14.66 41.34
CA PRO A 326 -29.57 -15.57 40.67
C PRO A 326 -30.15 -16.32 39.47
N VAL A 327 -31.41 -16.70 39.54
CA VAL A 327 -32.03 -17.43 38.44
C VAL A 327 -32.16 -16.56 37.20
N GLU A 328 -32.70 -15.36 37.37
CA GLU A 328 -32.85 -14.47 36.24
C GLU A 328 -31.48 -14.09 35.68
N THR A 329 -30.48 -13.97 36.57
CA THR A 329 -29.15 -13.59 36.13
C THR A 329 -28.47 -14.68 35.30
N ILE A 330 -28.60 -15.95 35.70
CA ILE A 330 -27.96 -17.01 34.93
C ILE A 330 -28.65 -17.14 33.57
N LYS A 331 -29.95 -16.87 33.52
CA LYS A 331 -30.69 -16.94 32.26
C LYS A 331 -30.18 -15.82 31.35
N PHE A 332 -29.88 -14.67 31.96
CA PHE A 332 -29.36 -13.52 31.23
C PHE A 332 -27.99 -13.89 30.68
N PHE A 333 -27.17 -14.54 31.49
CA PHE A 333 -25.84 -14.96 31.06
C PHE A 333 -25.98 -15.96 29.90
N ASP A 334 -26.96 -16.84 30.01
CA ASP A 334 -27.17 -17.86 28.98
C ASP A 334 -27.45 -17.26 27.60
N PHE A 335 -28.11 -16.12 27.58
CA PHE A 335 -28.44 -15.43 26.34
C PHE A 335 -27.21 -15.21 25.46
N TYR A 336 -26.08 -14.96 26.10
CA TYR A 336 -24.84 -14.70 25.37
C TYR A 336 -24.14 -15.92 24.77
N PHE A 337 -24.75 -17.09 24.94
CA PHE A 337 -24.23 -18.31 24.35
C PHE A 337 -25.27 -18.86 23.37
N SER A 338 -26.32 -18.07 23.16
CA SER A 338 -27.39 -18.45 22.23
C SER A 338 -27.12 -17.62 20.97
N ARG A 339 -27.65 -18.07 19.83
CA ARG A 339 -27.41 -17.34 18.58
C ARG A 339 -27.82 -15.87 18.63
N PRO A 340 -29.01 -15.55 19.20
CA PRO A 340 -29.44 -14.15 19.27
C PRO A 340 -28.46 -13.28 20.07
N GLY A 341 -27.96 -13.84 21.17
CA GLY A 341 -27.03 -13.13 22.02
C GLY A 341 -25.64 -13.03 21.42
N ARG A 342 -25.22 -14.08 20.71
CA ARG A 342 -23.92 -14.08 20.08
C ARG A 342 -23.93 -13.04 18.96
N ASP A 343 -25.09 -12.83 18.35
CA ASP A 343 -25.20 -11.83 17.30
C ASP A 343 -24.87 -10.42 17.79
N ILE A 344 -25.52 -9.96 18.84
CA ILE A 344 -25.24 -8.60 19.31
C ILE A 344 -23.89 -8.45 20.01
N SER A 345 -23.48 -9.47 20.77
CA SER A 345 -22.20 -9.37 21.46
C SER A 345 -21.01 -9.46 20.51
N ASN A 346 -21.24 -9.94 19.30
CA ASN A 346 -20.17 -10.05 18.30
C ASN A 346 -20.26 -9.03 17.18
N PHE A 347 -21.48 -8.64 16.81
CA PHE A 347 -21.66 -7.72 15.69
C PHE A 347 -22.26 -6.33 15.98
N GLY A 348 -22.80 -6.13 17.18
CA GLY A 348 -23.36 -4.84 17.50
C GLY A 348 -24.88 -4.80 17.54
N VAL A 349 -25.49 -3.89 16.78
CA VAL A 349 -26.94 -3.75 16.75
C VAL A 349 -27.49 -3.83 15.33
N PRO A 350 -28.55 -4.62 15.13
CA PRO A 350 -29.14 -4.74 13.78
C PRO A 350 -29.66 -3.39 13.31
N GLY A 351 -29.42 -3.08 12.04
CA GLY A 351 -29.88 -1.83 11.48
C GLY A 351 -28.91 -0.68 11.75
N VAL A 352 -27.91 -0.95 12.58
CA VAL A 352 -26.91 0.05 12.93
C VAL A 352 -25.51 -0.36 12.48
N THR A 353 -25.07 -1.53 12.91
CA THR A 353 -23.74 -2.02 12.52
C THR A 353 -23.81 -3.25 11.63
N TYR A 354 -24.93 -3.98 11.68
CA TYR A 354 -25.09 -5.16 10.85
C TYR A 354 -26.55 -5.42 10.51
N ASP A 355 -26.76 -6.34 9.59
CA ASP A 355 -28.09 -6.73 9.17
C ASP A 355 -28.05 -8.24 8.96
N ILE A 356 -29.18 -8.89 9.16
CA ILE A 356 -29.24 -10.34 8.96
C ILE A 356 -29.52 -10.58 7.49
N LYS A 357 -28.60 -11.24 6.81
CA LYS A 357 -28.74 -11.56 5.40
C LYS A 357 -28.43 -13.04 5.21
N ASN A 358 -29.26 -13.75 4.45
CA ASN A 358 -29.03 -15.18 4.24
C ASN A 358 -29.01 -15.90 5.59
N GLY A 359 -29.70 -15.34 6.58
CA GLY A 359 -29.77 -15.95 7.90
C GLY A 359 -28.63 -15.69 8.86
N LYS A 360 -27.63 -14.92 8.44
CA LYS A 360 -26.48 -14.63 9.30
C LYS A 360 -26.14 -13.15 9.35
N ALA A 361 -25.45 -12.76 10.41
CA ALA A 361 -25.05 -11.36 10.60
C ALA A 361 -24.01 -10.92 9.58
N VAL A 362 -24.30 -9.80 8.93
CA VAL A 362 -23.39 -9.22 7.94
C VAL A 362 -23.15 -7.75 8.27
N PHE A 363 -21.90 -7.38 8.45
CA PHE A 363 -21.56 -5.99 8.77
C PHE A 363 -21.94 -5.06 7.63
N LYS A 364 -22.39 -3.85 7.98
CA LYS A 364 -22.75 -2.87 6.97
C LYS A 364 -21.48 -2.34 6.32
N ASP A 365 -21.59 -1.83 5.09
CA ASP A 365 -20.43 -1.30 4.37
C ASP A 365 -19.74 -0.19 5.15
N SER A 366 -20.51 0.64 5.83
CA SER A 366 -19.95 1.74 6.59
C SER A 366 -18.95 1.25 7.64
N VAL A 367 -19.28 0.14 8.29
CA VAL A 367 -18.41 -0.43 9.31
C VAL A 367 -17.15 -1.02 8.68
N LEU A 368 -17.32 -1.70 7.56
CA LEU A 368 -16.20 -2.33 6.86
C LEU A 368 -15.27 -1.33 6.17
N LYS A 369 -15.80 -0.18 5.78
CA LYS A 369 -14.98 0.82 5.09
C LYS A 369 -14.27 1.78 6.04
N SER A 370 -14.71 1.81 7.30
CA SER A 370 -14.11 2.69 8.30
C SER A 370 -12.62 2.40 8.48
N PRO A 371 -11.81 3.45 8.70
CA PRO A 371 -10.37 3.32 8.89
C PRO A 371 -10.02 2.74 10.26
N GLN A 372 -10.99 2.72 11.16
CA GLN A 372 -10.79 2.16 12.50
C GLN A 372 -11.08 0.66 12.48
N PRO A 373 -10.22 -0.14 13.13
CA PRO A 373 -10.44 -1.60 13.14
C PRO A 373 -11.83 -1.92 13.66
N VAL A 374 -12.47 -2.92 13.08
CA VAL A 374 -13.81 -3.27 13.50
C VAL A 374 -13.92 -3.59 14.99
N ASN A 375 -12.95 -4.31 15.56
CA ASN A 375 -13.07 -4.60 16.98
C ASN A 375 -13.04 -3.31 17.81
N ASN A 376 -12.21 -2.34 17.41
CA ASN A 376 -12.16 -1.07 18.13
C ASN A 376 -13.51 -0.36 18.03
N GLN A 377 -14.11 -0.41 16.85
CA GLN A 377 -15.41 0.23 16.64
C GLN A 377 -16.43 -0.36 17.60
N LEU A 378 -16.43 -1.69 17.72
CA LEU A 378 -17.37 -2.40 18.55
C LEU A 378 -17.17 -2.19 20.06
N TYR A 379 -15.93 -2.07 20.50
CA TYR A 379 -15.67 -1.86 21.93
C TYR A 379 -16.44 -0.64 22.42
N ASP A 380 -16.38 0.42 21.64
CA ASP A 380 -17.04 1.68 22.00
C ASP A 380 -18.57 1.64 21.96
N MET A 381 -19.13 0.54 21.48
CA MET A 381 -20.58 0.37 21.42
C MET A 381 -21.05 -0.73 22.36
N GLY A 382 -20.10 -1.41 22.99
CA GLY A 382 -20.44 -2.47 23.92
C GLY A 382 -20.38 -3.88 23.37
N ALA A 383 -19.67 -4.06 22.25
CA ALA A 383 -19.51 -5.38 21.62
C ALA A 383 -18.04 -5.79 21.66
N GLN A 384 -17.79 -7.10 21.55
CA GLN A 384 -16.44 -7.65 21.63
C GLN A 384 -15.80 -7.25 22.96
N ILE A 385 -16.62 -7.18 24.01
CA ILE A 385 -16.12 -6.84 25.35
C ILE A 385 -16.01 -8.11 26.17
N PRO A 386 -15.09 -8.14 27.15
CA PRO A 386 -14.83 -9.28 28.02
C PRO A 386 -15.88 -9.74 29.04
N ILE A 387 -17.12 -9.85 28.59
CA ILE A 387 -18.19 -10.36 29.43
C ILE A 387 -18.17 -11.85 29.13
N GLY A 388 -19.07 -12.60 29.74
CA GLY A 388 -19.11 -14.01 29.43
C GLY A 388 -19.91 -14.14 28.14
N PHE A 389 -19.24 -14.50 27.05
CA PHE A 389 -19.94 -14.68 25.78
C PHE A 389 -19.13 -15.58 24.87
N TRP A 390 -19.80 -16.10 23.85
CA TRP A 390 -19.16 -17.01 22.91
C TRP A 390 -18.82 -16.25 21.64
N GLN A 391 -17.53 -15.97 21.44
CA GLN A 391 -17.12 -15.23 20.26
C GLN A 391 -17.44 -16.03 18.99
N ASP A 392 -17.70 -15.31 17.91
CA ASP A 392 -18.04 -15.88 16.61
C ASP A 392 -16.99 -15.41 15.61
N TYR A 393 -16.10 -16.31 15.19
CA TYR A 393 -15.04 -15.92 14.26
C TYR A 393 -15.51 -15.32 12.94
N ASP A 394 -16.74 -15.56 12.54
CA ASP A 394 -17.17 -14.98 11.27
C ASP A 394 -17.21 -13.46 11.36
N TYR A 395 -17.31 -12.92 12.57
CA TYR A 395 -17.33 -11.47 12.73
C TYR A 395 -15.98 -10.96 12.26
N GLU A 396 -14.92 -11.69 12.62
CA GLU A 396 -13.55 -11.32 12.27
C GLU A 396 -13.25 -11.61 10.81
N ARG A 397 -13.75 -12.74 10.30
CA ARG A 397 -13.51 -13.10 8.91
C ARG A 397 -13.95 -11.98 7.98
N GLN A 398 -15.06 -11.32 8.33
CA GLN A 398 -15.59 -10.25 7.49
C GLN A 398 -14.72 -9.02 7.32
N TRP A 399 -13.79 -8.77 8.25
CA TRP A 399 -12.89 -7.64 8.10
C TRP A 399 -11.43 -8.07 8.02
N THR A 400 -11.22 -9.35 7.70
CA THR A 400 -9.88 -9.88 7.52
C THR A 400 -9.66 -9.84 6.01
N THR A 401 -8.80 -8.95 5.56
CA THR A 401 -8.52 -8.78 4.14
C THR A 401 -7.84 -10.00 3.53
N PRO A 402 -7.84 -10.10 2.19
CA PRO A 402 -7.19 -11.22 1.52
C PRO A 402 -5.70 -11.27 1.89
N GLU A 403 -5.10 -10.09 2.06
CA GLU A 403 -3.69 -9.99 2.43
C GLU A 403 -3.48 -10.54 3.85
N ALA A 404 -4.37 -10.17 4.75
CA ALA A 404 -4.26 -10.64 6.13
C ALA A 404 -4.50 -12.15 6.15
N GLN A 405 -5.46 -12.61 5.36
CA GLN A 405 -5.79 -14.03 5.30
C GLN A 405 -4.61 -14.84 4.77
N ALA A 406 -3.90 -14.30 3.79
CA ALA A 406 -2.73 -14.99 3.23
C ALA A 406 -1.70 -15.16 4.33
N GLY A 407 -1.61 -14.18 5.22
CA GLY A 407 -0.65 -14.26 6.31
C GLY A 407 -1.04 -15.35 7.28
N ILE A 408 -2.32 -15.38 7.64
CA ILE A 408 -2.81 -16.40 8.55
C ILE A 408 -2.57 -17.79 7.98
N ASP A 409 -2.93 -17.97 6.72
CA ASP A 409 -2.75 -19.26 6.05
C ASP A 409 -1.28 -19.66 6.00
N MET A 410 -0.41 -18.67 5.87
CA MET A 410 1.03 -18.93 5.81
C MET A 410 1.49 -19.50 7.16
N TYR A 411 0.99 -18.92 8.25
CA TYR A 411 1.38 -19.37 9.59
C TYR A 411 0.83 -20.75 9.89
N VAL A 412 -0.39 -21.02 9.43
CA VAL A 412 -1.00 -22.31 9.66
C VAL A 412 -0.24 -23.39 8.88
N LYS A 413 0.04 -23.13 7.61
CA LYS A 413 0.76 -24.08 6.78
C LYS A 413 2.19 -24.30 7.27
N GLY A 414 2.80 -23.22 7.76
CA GLY A 414 4.16 -23.31 8.25
C GLY A 414 4.32 -23.99 9.60
N LYS A 415 3.20 -24.21 10.29
CA LYS A 415 3.21 -24.85 11.61
C LYS A 415 4.09 -24.07 12.59
N TYR A 416 4.06 -22.75 12.49
CA TYR A 416 4.87 -21.91 13.36
C TYR A 416 4.29 -21.73 14.75
N VAL A 417 2.96 -21.78 14.85
CA VAL A 417 2.29 -21.56 16.13
C VAL A 417 2.56 -22.67 17.15
N MET A 418 3.15 -22.27 18.27
CA MET A 418 3.49 -23.21 19.34
C MET A 418 2.25 -23.60 20.14
N PRO A 419 2.10 -24.88 20.48
CA PRO A 419 0.93 -25.31 21.25
C PRO A 419 0.93 -24.55 22.58
N GLY A 420 -0.23 -24.02 22.96
CA GLY A 420 -0.33 -23.26 24.19
C GLY A 420 -0.50 -24.07 25.46
N PHE A 421 -0.15 -23.46 26.59
CA PHE A 421 -0.28 -24.10 27.89
C PHE A 421 -1.76 -24.04 28.27
N GLU A 422 -2.32 -25.19 28.63
CA GLU A 422 -3.75 -25.25 28.98
C GLU A 422 -4.02 -25.16 30.47
N GLY A 423 -2.96 -25.17 31.27
CA GLY A 423 -3.11 -25.07 32.71
C GLY A 423 -3.19 -26.40 33.43
N VAL A 424 -3.20 -26.36 34.76
CA VAL A 424 -3.28 -27.57 35.57
C VAL A 424 -4.42 -27.44 36.59
N ASN A 425 -4.88 -28.58 37.10
CA ASN A 425 -5.97 -28.59 38.07
C ASN A 425 -5.42 -28.84 39.47
N MET A 426 -5.17 -27.76 40.20
CA MET A 426 -4.62 -27.86 41.55
C MET A 426 -5.67 -28.14 42.61
N THR A 427 -5.23 -28.68 43.74
CA THR A 427 -6.12 -28.95 44.86
C THR A 427 -6.28 -27.62 45.58
N ARG A 428 -7.19 -27.56 46.56
CA ARG A 428 -7.39 -26.32 47.28
C ARG A 428 -6.09 -25.87 47.95
N GLU A 429 -5.39 -26.81 48.58
CA GLU A 429 -4.14 -26.49 49.25
C GLU A 429 -3.03 -26.02 48.30
N GLU A 430 -2.95 -26.65 47.13
CA GLU A 430 -1.94 -26.27 46.14
C GLU A 430 -2.22 -24.87 45.58
N ARG A 431 -3.48 -24.60 45.24
CA ARG A 431 -3.82 -23.31 44.69
C ARG A 431 -3.65 -22.20 45.74
N ALA A 432 -3.74 -22.55 47.02
CA ALA A 432 -3.57 -21.55 48.07
C ALA A 432 -2.14 -21.01 48.02
N ILE A 433 -1.18 -21.89 47.71
CA ILE A 433 0.22 -21.47 47.59
C ILE A 433 0.35 -20.57 46.37
N TYR A 434 -0.35 -20.93 45.30
CA TYR A 434 -0.34 -20.13 44.07
C TYR A 434 -0.90 -18.73 44.35
N ASP A 435 -2.05 -18.67 45.04
CA ASP A 435 -2.65 -17.38 45.36
C ASP A 435 -1.77 -16.56 46.29
N LYS A 436 -1.03 -17.24 47.14
CA LYS A 436 -0.16 -16.58 48.09
C LYS A 436 1.08 -15.92 47.47
N TYR A 437 1.69 -16.61 46.51
CA TYR A 437 2.93 -16.13 45.90
C TYR A 437 2.98 -15.64 44.46
N TRP A 438 2.22 -16.25 43.56
CA TRP A 438 2.33 -15.88 42.15
C TRP A 438 2.21 -14.41 41.77
N ALA A 439 1.14 -13.74 42.18
CA ALA A 439 0.98 -12.33 41.84
C ALA A 439 2.21 -11.51 42.20
N ASP A 440 2.77 -11.76 43.38
CA ASP A 440 3.96 -11.05 43.84
C ASP A 440 5.17 -11.36 42.97
N VAL A 441 5.37 -12.64 42.67
CA VAL A 441 6.48 -13.05 41.83
C VAL A 441 6.40 -12.41 40.45
N ARG A 442 5.21 -12.47 39.85
CA ARG A 442 5.00 -11.92 38.51
C ARG A 442 5.33 -10.43 38.44
N THR A 443 4.88 -9.67 39.43
CA THR A 443 5.15 -8.24 39.45
C THR A 443 6.65 -7.98 39.59
N TYR A 444 7.31 -8.75 40.44
CA TYR A 444 8.76 -8.61 40.63
C TYR A 444 9.50 -8.92 39.32
N MET A 445 9.09 -9.99 38.64
CA MET A 445 9.72 -10.37 37.39
C MET A 445 9.62 -9.25 36.38
N TYR A 446 8.43 -8.67 36.25
CA TYR A 446 8.21 -7.59 35.31
C TYR A 446 9.07 -6.37 35.62
N GLU A 447 9.18 -6.02 36.91
CA GLU A 447 9.99 -4.88 37.30
C GLU A 447 11.47 -5.11 36.99
N MET A 448 11.96 -6.32 37.22
CA MET A 448 13.36 -6.62 36.93
C MET A 448 13.56 -6.62 35.42
N GLY A 449 12.60 -7.22 34.71
CA GLY A 449 12.69 -7.27 33.26
C GLY A 449 12.74 -5.88 32.64
N GLN A 450 11.91 -4.96 33.13
CA GLN A 450 11.90 -3.62 32.59
C GLN A 450 13.24 -2.93 32.84
N ALA A 451 13.81 -3.17 34.02
CA ALA A 451 15.10 -2.57 34.37
C ALA A 451 16.19 -3.11 33.45
N TRP A 452 16.15 -4.42 33.18
CA TRP A 452 17.14 -5.02 32.30
C TRP A 452 17.03 -4.45 30.89
N VAL A 453 15.82 -4.34 30.37
CA VAL A 453 15.62 -3.80 29.02
C VAL A 453 16.08 -2.36 28.93
N MET A 454 15.67 -1.54 29.89
CA MET A 454 16.04 -0.13 29.89
C MET A 454 17.50 0.13 30.25
N GLY A 455 18.21 -0.93 30.64
CA GLY A 455 19.61 -0.81 30.96
C GLY A 455 19.97 -0.22 32.31
N THR A 456 19.02 -0.13 33.23
CA THR A 456 19.32 0.41 34.55
C THR A 456 19.89 -0.67 35.48
N LYS A 457 19.74 -1.93 35.06
CA LYS A 457 20.29 -3.06 35.80
C LYS A 457 20.92 -4.01 34.79
N ASP A 458 22.06 -4.59 35.15
CA ASP A 458 22.79 -5.50 34.29
C ASP A 458 22.28 -6.93 34.47
N VAL A 459 21.87 -7.57 33.37
CA VAL A 459 21.36 -8.93 33.44
C VAL A 459 22.31 -9.93 34.11
N ASP A 460 23.52 -10.03 33.60
CA ASP A 460 24.48 -10.98 34.17
C ASP A 460 24.83 -10.70 35.62
N LYS A 461 25.09 -9.43 35.94
CA LYS A 461 25.47 -9.05 37.30
C LYS A 461 24.35 -9.20 38.34
N THR A 462 23.11 -9.28 37.89
CA THR A 462 22.00 -9.42 38.84
C THR A 462 21.22 -10.72 38.71
N TRP A 463 21.67 -11.64 37.85
CA TRP A 463 20.93 -12.89 37.67
C TRP A 463 20.86 -13.74 38.95
N ASP A 464 21.98 -13.89 39.65
CA ASP A 464 21.97 -14.68 40.88
C ASP A 464 21.05 -14.03 41.92
N GLU A 465 21.07 -12.70 41.97
CA GLU A 465 20.24 -11.91 42.88
C GLU A 465 18.78 -12.18 42.56
N TYR A 466 18.47 -12.17 41.27
CA TYR A 466 17.13 -12.42 40.76
C TYR A 466 16.67 -13.81 41.16
N GLN A 467 17.55 -14.80 41.00
CA GLN A 467 17.21 -16.18 41.36
C GLN A 467 16.94 -16.31 42.86
N ARG A 468 17.70 -15.58 43.68
CA ARG A 468 17.48 -15.65 45.12
C ARG A 468 16.09 -15.11 45.45
N GLN A 469 15.72 -14.03 44.78
CA GLN A 469 14.41 -13.40 44.97
C GLN A 469 13.29 -14.33 44.55
N LEU A 470 13.45 -15.02 43.42
CA LEU A 470 12.42 -15.94 42.97
C LEU A 470 12.16 -17.01 44.02
N LYS A 471 13.22 -17.49 44.64
CA LYS A 471 13.10 -18.52 45.66
C LYS A 471 12.42 -18.02 46.93
N LEU A 472 12.87 -16.89 47.46
CA LEU A 472 12.27 -16.35 48.69
C LEU A 472 10.88 -15.77 48.47
N ARG A 473 10.48 -15.60 47.21
CA ARG A 473 9.15 -15.09 46.90
C ARG A 473 8.21 -16.26 46.63
N GLY A 474 8.75 -17.47 46.67
CA GLY A 474 7.94 -18.66 46.48
C GLY A 474 7.69 -19.22 45.09
N LEU A 475 8.39 -18.73 44.07
CA LEU A 475 8.17 -19.25 42.72
C LEU A 475 8.38 -20.74 42.60
N TYR A 476 9.45 -21.24 43.20
CA TYR A 476 9.74 -22.65 43.09
C TYR A 476 8.76 -23.53 43.86
N GLN A 477 8.14 -22.99 44.90
CA GLN A 477 7.13 -23.76 45.62
C GLN A 477 5.87 -23.80 44.75
N VAL A 478 5.59 -22.70 44.05
CA VAL A 478 4.42 -22.65 43.17
C VAL A 478 4.62 -23.68 42.05
N LEU A 479 5.82 -23.73 41.50
CA LEU A 479 6.10 -24.69 40.43
C LEU A 479 5.91 -26.11 40.93
N GLN A 480 6.31 -26.36 42.17
CA GLN A 480 6.16 -27.69 42.75
C GLN A 480 4.68 -28.06 42.84
N MET A 481 3.86 -27.12 43.30
CA MET A 481 2.43 -27.36 43.41
C MET A 481 1.85 -27.68 42.04
N MET A 482 2.28 -26.93 41.03
CA MET A 482 1.80 -27.14 39.68
C MET A 482 2.28 -28.46 39.10
N GLN A 483 3.49 -28.87 39.46
CA GLN A 483 4.04 -30.13 38.98
C GLN A 483 3.23 -31.29 39.54
N GLN A 484 2.83 -31.18 40.81
CA GLN A 484 2.03 -32.22 41.44
C GLN A 484 0.69 -32.33 40.73
N ALA A 485 0.09 -31.18 40.42
CA ALA A 485 -1.19 -31.16 39.73
C ALA A 485 -1.03 -31.76 38.33
N TYR A 486 0.03 -31.37 37.64
CA TYR A 486 0.30 -31.88 36.30
C TYR A 486 0.44 -33.40 36.34
N ASP A 487 1.23 -33.90 37.28
CA ASP A 487 1.47 -35.33 37.40
C ASP A 487 0.19 -36.13 37.68
N ARG A 488 -0.71 -35.59 38.50
CA ARG A 488 -1.95 -36.30 38.79
C ARG A 488 -2.77 -36.50 37.52
N GLN A 489 -2.70 -35.52 36.62
CA GLN A 489 -3.46 -35.58 35.39
C GLN A 489 -2.80 -36.33 34.24
N TYR A 490 -1.50 -36.10 34.04
CA TYR A 490 -0.79 -36.75 32.94
C TYR A 490 0.09 -37.95 33.30
N LYS A 491 0.64 -37.95 34.52
CA LYS A 491 1.50 -39.05 34.94
C LYS A 491 0.84 -39.98 35.96
N ASN A 492 1.61 -40.96 36.44
CA ASN A 492 1.12 -41.94 37.40
C ASN A 492 -0.30 -42.39 37.10
N LYS B 1 26.34 -19.65 -32.02
CA LYS B 1 24.91 -19.59 -32.44
C LYS B 1 23.98 -19.60 -31.23
N GLU B 2 22.86 -18.89 -31.35
CA GLU B 2 21.88 -18.81 -30.27
C GLU B 2 20.52 -19.25 -30.78
N ALA B 3 19.68 -19.74 -29.86
CA ALA B 3 18.35 -20.21 -30.23
C ALA B 3 17.49 -19.11 -30.84
N THR B 4 17.80 -17.86 -30.50
CA THR B 4 17.04 -16.71 -31.00
C THR B 4 17.55 -16.17 -32.35
N TRP B 5 18.58 -16.80 -32.90
CA TRP B 5 19.13 -16.37 -34.18
C TRP B 5 18.08 -16.40 -35.28
N VAL B 6 18.10 -15.36 -36.12
CA VAL B 6 17.15 -15.24 -37.23
C VAL B 6 17.75 -15.82 -38.51
N THR B 7 19.07 -15.82 -38.57
CA THR B 7 19.79 -16.31 -39.74
C THR B 7 21.10 -16.94 -39.29
N ASP B 8 21.65 -17.86 -40.09
CA ASP B 8 22.89 -18.53 -39.74
C ASP B 8 24.10 -17.63 -40.00
N LYS B 9 24.09 -16.94 -41.13
CA LYS B 9 25.18 -16.02 -41.47
C LYS B 9 24.73 -14.63 -41.04
N PRO B 10 25.62 -13.88 -40.35
CA PRO B 10 25.24 -12.54 -39.90
C PRO B 10 24.71 -11.63 -41.00
N LEU B 11 23.58 -11.00 -40.72
CA LEU B 11 22.93 -10.10 -41.67
C LEU B 11 23.04 -8.66 -41.20
N THR B 12 23.50 -7.78 -42.08
CA THR B 12 23.61 -6.37 -41.74
C THR B 12 22.55 -5.58 -42.47
N LEU B 13 21.74 -4.85 -41.73
CA LEU B 13 20.67 -4.03 -42.29
C LEU B 13 20.97 -2.56 -42.03
N LYS B 14 20.83 -1.73 -43.06
CA LYS B 14 21.06 -0.31 -42.87
C LYS B 14 19.78 0.27 -42.28
N ILE B 15 19.92 1.04 -41.20
CA ILE B 15 18.74 1.65 -40.58
C ILE B 15 18.88 3.15 -40.42
N HIS B 16 17.83 3.88 -40.77
CA HIS B 16 17.85 5.31 -40.54
C HIS B 16 16.94 5.51 -39.34
N MET B 17 17.54 5.74 -38.17
CA MET B 17 16.75 5.98 -36.98
C MET B 17 17.32 7.15 -36.23
N HIS B 18 16.62 8.27 -36.30
CA HIS B 18 16.99 9.49 -35.61
C HIS B 18 15.77 9.80 -34.78
N PHE B 19 15.94 9.89 -33.47
CA PHE B 19 14.78 10.11 -32.61
C PHE B 19 14.93 11.11 -31.47
N ARG B 20 13.79 11.69 -31.09
CA ARG B 20 13.71 12.66 -30.01
C ARG B 20 14.70 13.81 -30.15
N ASP B 21 14.97 14.17 -31.41
CA ASP B 21 15.87 15.26 -31.76
C ASP B 21 17.29 15.20 -31.19
N LYS B 22 17.73 14.03 -30.71
CA LYS B 22 19.06 13.98 -30.12
C LYS B 22 19.77 12.62 -30.17
N TRP B 23 19.12 11.60 -30.70
CA TRP B 23 19.74 10.29 -30.74
C TRP B 23 19.62 9.57 -32.08
N VAL B 24 20.51 8.61 -32.29
CA VAL B 24 20.51 7.78 -33.48
C VAL B 24 20.81 6.37 -32.99
N TRP B 25 20.46 5.37 -33.79
CA TRP B 25 20.77 4.00 -33.40
C TRP B 25 22.31 3.94 -33.36
N ASP B 26 22.85 3.35 -32.31
CA ASP B 26 24.30 3.21 -32.15
C ASP B 26 24.59 1.73 -32.04
N GLU B 27 25.23 1.15 -33.05
CA GLU B 27 25.51 -0.29 -33.00
C GLU B 27 26.46 -0.66 -31.87
N ASN B 28 27.09 0.34 -31.27
CA ASN B 28 28.03 0.10 -30.18
C ASN B 28 27.31 0.14 -28.83
N TRP B 29 26.02 0.46 -28.85
CA TRP B 29 25.24 0.46 -27.61
C TRP B 29 25.32 -0.94 -27.03
N PRO B 30 25.37 -1.05 -25.69
CA PRO B 30 25.42 -2.38 -25.09
C PRO B 30 24.22 -3.23 -25.53
N VAL B 31 23.04 -2.61 -25.61
CA VAL B 31 21.85 -3.34 -26.02
C VAL B 31 21.89 -3.71 -27.50
N ALA B 32 22.44 -2.84 -28.33
CA ALA B 32 22.54 -3.12 -29.76
C ALA B 32 23.46 -4.32 -29.97
N LYS B 33 24.57 -4.34 -29.24
CA LYS B 33 25.53 -5.45 -29.34
C LYS B 33 24.87 -6.74 -28.89
N GLU B 34 24.05 -6.66 -27.85
CA GLU B 34 23.35 -7.83 -27.32
C GLU B 34 22.29 -8.28 -28.30
N SER B 35 21.64 -7.33 -28.96
CA SER B 35 20.63 -7.64 -29.97
C SER B 35 21.27 -8.44 -31.09
N PHE B 36 22.42 -7.97 -31.57
CA PHE B 36 23.14 -8.64 -32.64
C PHE B 36 23.59 -10.02 -32.16
N ARG B 37 24.08 -10.09 -30.93
CA ARG B 37 24.54 -11.36 -30.37
C ARG B 37 23.41 -12.40 -30.35
N LEU B 38 22.20 -11.96 -29.99
CA LEU B 38 21.05 -12.84 -29.89
C LEU B 38 20.27 -13.13 -31.19
N THR B 39 20.31 -12.22 -32.15
CA THR B 39 19.56 -12.44 -33.38
C THR B 39 20.42 -12.67 -34.63
N ASN B 40 21.69 -12.33 -34.54
CA ASN B 40 22.63 -12.46 -35.66
C ASN B 40 22.32 -11.42 -36.72
N VAL B 41 21.60 -10.38 -36.33
CA VAL B 41 21.26 -9.27 -37.24
C VAL B 41 21.89 -8.00 -36.66
N LYS B 42 22.71 -7.33 -37.47
CA LYS B 42 23.39 -6.11 -37.07
C LYS B 42 22.74 -4.92 -37.77
N LEU B 43 22.44 -3.86 -37.02
CA LEU B 43 21.85 -2.68 -37.64
C LEU B 43 22.92 -1.59 -37.79
N GLN B 44 23.19 -1.25 -39.05
CA GLN B 44 24.17 -0.22 -39.40
C GLN B 44 23.45 1.12 -39.55
N SER B 45 23.76 2.06 -38.68
CA SER B 45 23.13 3.37 -38.74
C SER B 45 23.60 4.21 -39.91
N VAL B 46 22.66 4.84 -40.60
CA VAL B 46 23.00 5.70 -41.72
C VAL B 46 22.44 7.11 -41.44
N ALA B 47 22.03 7.35 -40.20
CA ALA B 47 21.50 8.64 -39.81
C ALA B 47 22.66 9.54 -39.36
N ASN B 48 22.38 10.84 -39.24
CA ASN B 48 23.38 11.82 -38.85
C ASN B 48 23.25 12.15 -37.35
N LYS B 49 24.22 11.69 -36.56
CA LYS B 49 24.17 11.92 -35.11
C LYS B 49 24.27 13.38 -34.71
N ALA B 50 24.79 14.22 -35.60
CA ALA B 50 24.93 15.65 -35.32
C ALA B 50 23.66 16.44 -35.61
N ALA B 51 22.70 15.81 -36.27
CA ALA B 51 21.44 16.47 -36.61
C ALA B 51 20.57 16.64 -35.37
N THR B 52 19.84 17.75 -35.30
CA THR B 52 19.00 18.03 -34.14
C THR B 52 17.49 18.12 -34.42
N ASN B 53 17.07 17.67 -35.60
CA ASN B 53 15.65 17.69 -35.97
C ASN B 53 15.33 16.34 -36.60
N SER B 54 14.83 15.42 -35.78
CA SER B 54 14.51 14.06 -36.25
C SER B 54 13.55 14.00 -37.43
N GLN B 55 12.48 14.79 -37.38
CA GLN B 55 11.51 14.77 -38.47
C GLN B 55 12.13 15.29 -39.77
N GLU B 56 12.99 16.29 -39.66
CA GLU B 56 13.67 16.86 -40.83
C GLU B 56 14.57 15.80 -41.45
N GLN B 57 15.26 15.05 -40.60
CA GLN B 57 16.16 14.01 -41.10
C GLN B 57 15.40 12.91 -41.83
N PHE B 58 14.20 12.59 -41.35
CA PHE B 58 13.39 11.56 -42.00
C PHE B 58 13.03 12.07 -43.39
N ASN B 59 12.53 13.30 -43.45
CA ASN B 59 12.14 13.89 -44.73
C ASN B 59 13.29 13.90 -45.74
N LEU B 60 14.47 14.31 -45.29
CA LEU B 60 15.62 14.35 -46.19
C LEU B 60 16.02 12.96 -46.67
N MET B 61 16.01 12.00 -45.74
CA MET B 61 16.38 10.63 -46.07
C MET B 61 15.43 10.01 -47.09
N MET B 62 14.13 10.23 -46.90
CA MET B 62 13.15 9.66 -47.82
C MET B 62 13.23 10.27 -49.22
N ALA B 63 13.90 11.41 -49.33
CA ALA B 63 14.06 12.08 -50.63
C ALA B 63 15.48 11.94 -51.16
N SER B 64 16.29 11.10 -50.52
CA SER B 64 17.68 10.92 -50.90
C SER B 64 17.92 10.06 -52.13
N GLY B 65 16.93 9.23 -52.50
CA GLY B 65 17.09 8.37 -53.66
C GLY B 65 17.90 7.12 -53.32
N ASP B 66 18.28 7.00 -52.05
CA ASP B 66 19.04 5.85 -51.58
C ASP B 66 18.50 5.46 -50.20
N LEU B 67 17.35 4.78 -50.21
CA LEU B 67 16.69 4.36 -48.98
C LEU B 67 17.42 3.24 -48.25
N PRO B 68 17.37 3.26 -46.92
CA PRO B 68 18.01 2.23 -46.11
C PRO B 68 17.12 1.00 -46.13
N ASP B 69 17.42 0.04 -45.27
CA ASP B 69 16.63 -1.19 -45.20
C ASP B 69 15.50 -1.07 -44.19
N VAL B 70 15.77 -0.31 -43.13
CA VAL B 70 14.80 -0.09 -42.06
C VAL B 70 14.78 1.39 -41.67
N VAL B 71 13.60 1.90 -41.32
CA VAL B 71 13.47 3.28 -40.87
C VAL B 71 12.71 3.23 -39.55
N GLY B 72 13.24 3.91 -38.54
CA GLY B 72 12.58 3.92 -37.25
C GLY B 72 12.64 5.26 -36.55
N GLY B 73 11.82 5.43 -35.53
CA GLY B 73 11.83 6.69 -34.80
C GLY B 73 10.51 7.02 -34.14
N ASP B 74 10.50 8.12 -33.40
CA ASP B 74 9.31 8.58 -32.71
C ASP B 74 8.45 9.46 -33.60
N ASN B 75 7.16 9.45 -33.35
CA ASN B 75 6.22 10.30 -34.08
C ASN B 75 6.29 10.17 -35.60
N LEU B 76 6.36 8.93 -36.07
CA LEU B 76 6.43 8.65 -37.50
C LEU B 76 5.20 7.91 -38.01
N LYS B 77 4.24 7.60 -37.14
CA LYS B 77 3.04 6.88 -37.57
C LYS B 77 2.40 7.44 -38.83
N ASP B 78 2.09 8.73 -38.83
CA ASP B 78 1.45 9.34 -39.99
C ASP B 78 2.30 9.23 -41.24
N LYS B 79 3.62 9.36 -41.08
CA LYS B 79 4.52 9.28 -42.22
C LYS B 79 4.68 7.84 -42.72
N PHE B 80 4.66 6.87 -41.80
CA PHE B 80 4.75 5.47 -42.20
C PHE B 80 3.52 5.13 -43.04
N ILE B 81 2.35 5.61 -42.60
CA ILE B 81 1.11 5.36 -43.31
C ILE B 81 1.07 6.05 -44.68
N GLN B 82 1.44 7.32 -44.72
CA GLN B 82 1.43 8.05 -45.98
C GLN B 82 2.46 7.53 -46.97
N TYR B 83 3.71 7.41 -46.53
CA TYR B 83 4.77 6.93 -47.40
C TYR B 83 4.57 5.45 -47.75
N GLY B 84 3.90 4.73 -46.86
CA GLY B 84 3.64 3.32 -47.12
C GLY B 84 2.68 3.19 -48.29
N GLN B 85 1.59 3.96 -48.24
CA GLN B 85 0.61 3.91 -49.31
C GLN B 85 1.23 4.43 -50.61
N GLU B 86 2.19 5.33 -50.49
CA GLU B 86 2.86 5.89 -51.66
C GLU B 86 3.92 4.96 -52.24
N GLY B 87 4.21 3.87 -51.54
CA GLY B 87 5.17 2.89 -52.04
C GLY B 87 6.61 2.89 -51.54
N ALA B 88 6.87 3.48 -50.38
CA ALA B 88 8.23 3.51 -49.85
C ALA B 88 8.48 2.43 -48.81
N PHE B 89 7.41 1.99 -48.14
CA PHE B 89 7.50 0.95 -47.13
C PHE B 89 6.59 -0.19 -47.57
N VAL B 90 6.97 -1.42 -47.26
CA VAL B 90 6.18 -2.58 -47.66
C VAL B 90 5.15 -2.95 -46.59
N PRO B 91 4.00 -3.50 -47.02
CA PRO B 91 2.98 -3.90 -46.04
C PRO B 91 3.53 -5.10 -45.27
N LEU B 92 3.16 -5.21 -43.99
CA LEU B 92 3.67 -6.29 -43.15
C LEU B 92 2.65 -7.37 -42.79
N ASN B 93 1.41 -7.19 -43.20
CA ASN B 93 0.34 -8.13 -42.87
C ASN B 93 0.70 -9.60 -43.05
N LYS B 94 1.08 -9.98 -44.26
CA LYS B 94 1.42 -11.38 -44.53
C LYS B 94 2.74 -11.82 -43.91
N LEU B 95 3.72 -10.92 -43.89
CA LEU B 95 5.01 -11.25 -43.29
C LEU B 95 4.80 -11.61 -41.83
N ILE B 96 3.92 -10.89 -41.16
CA ILE B 96 3.63 -11.14 -39.76
C ILE B 96 2.92 -12.49 -39.60
N ASP B 97 1.88 -12.69 -40.40
CA ASP B 97 1.12 -13.92 -40.33
C ASP B 97 1.95 -15.18 -40.56
N GLN B 98 2.94 -15.09 -41.44
CA GLN B 98 3.75 -16.26 -41.74
C GLN B 98 5.03 -16.41 -40.93
N TYR B 99 5.69 -15.30 -40.62
CA TYR B 99 6.98 -15.36 -39.92
C TYR B 99 7.17 -14.68 -38.57
N ALA B 100 6.16 -13.97 -38.07
CA ALA B 100 6.32 -13.28 -36.79
C ALA B 100 5.24 -13.72 -35.80
N PRO B 101 5.39 -14.93 -35.23
CA PRO B 101 4.42 -15.47 -34.28
C PRO B 101 4.15 -14.66 -33.02
N HIS B 102 5.17 -13.97 -32.50
CA HIS B 102 4.96 -13.17 -31.29
C HIS B 102 4.14 -11.92 -31.56
N ILE B 103 4.43 -11.27 -32.68
CA ILE B 103 3.70 -10.07 -33.06
C ILE B 103 2.29 -10.49 -33.47
N LYS B 104 2.19 -11.62 -34.16
CA LYS B 104 0.89 -12.12 -34.60
C LYS B 104 0.00 -12.37 -33.39
N ALA B 105 0.57 -13.03 -32.38
CA ALA B 105 -0.17 -13.34 -31.16
C ALA B 105 -0.55 -12.06 -30.42
N PHE B 106 0.37 -11.10 -30.40
CA PHE B 106 0.12 -9.84 -29.73
C PHE B 106 -1.07 -9.12 -30.37
N PHE B 107 -1.06 -9.01 -31.70
CA PHE B 107 -2.15 -8.33 -32.39
C PHE B 107 -3.48 -9.06 -32.19
N LYS B 108 -3.43 -10.38 -32.11
CA LYS B 108 -4.66 -11.14 -31.91
C LYS B 108 -5.28 -10.79 -30.56
N SER B 109 -4.43 -10.61 -29.55
CA SER B 109 -4.91 -10.27 -28.21
C SER B 109 -5.10 -8.77 -28.00
N HIS B 110 -4.61 -7.98 -28.94
CA HIS B 110 -4.71 -6.52 -28.89
C HIS B 110 -5.23 -6.01 -30.24
N PRO B 111 -6.43 -6.45 -30.64
CA PRO B 111 -7.01 -6.03 -31.92
C PRO B 111 -7.14 -4.52 -32.10
N GLU B 112 -7.39 -3.80 -31.01
CA GLU B 112 -7.53 -2.35 -31.07
C GLU B 112 -6.22 -1.67 -31.45
N VAL B 113 -5.10 -2.26 -31.03
CA VAL B 113 -3.79 -1.71 -31.37
C VAL B 113 -3.54 -1.93 -32.86
N GLU B 114 -3.79 -3.14 -33.34
CA GLU B 114 -3.59 -3.44 -34.76
C GLU B 114 -4.45 -2.54 -35.63
N ARG B 115 -5.69 -2.30 -35.21
CA ARG B 115 -6.59 -1.45 -35.98
C ARG B 115 -6.10 0.00 -36.02
N ALA B 116 -5.56 0.46 -34.89
CA ALA B 116 -5.06 1.82 -34.77
C ALA B 116 -3.84 2.16 -35.63
N ILE B 117 -3.02 1.17 -35.95
CA ILE B 117 -1.83 1.44 -36.74
C ILE B 117 -2.00 1.19 -38.23
N LYS B 118 -3.12 0.58 -38.62
CA LYS B 118 -3.38 0.29 -40.03
C LYS B 118 -3.71 1.52 -40.86
N ALA B 119 -3.33 1.47 -42.13
CA ALA B 119 -3.58 2.55 -43.06
C ALA B 119 -4.95 2.37 -43.70
N PRO B 120 -5.45 3.39 -44.40
CA PRO B 120 -6.76 3.29 -45.05
C PRO B 120 -6.84 2.09 -45.99
N ASP B 121 -5.70 1.72 -46.60
CA ASP B 121 -5.70 0.59 -47.52
C ASP B 121 -5.67 -0.77 -46.83
N GLY B 122 -5.76 -0.75 -45.49
CA GLY B 122 -5.78 -1.98 -44.72
C GLY B 122 -4.43 -2.57 -44.37
N ASN B 123 -3.35 -1.96 -44.84
CA ASN B 123 -2.03 -2.49 -44.57
C ASN B 123 -1.35 -1.94 -43.32
N ILE B 124 -0.51 -2.79 -42.74
CA ILE B 124 0.27 -2.46 -41.56
C ILE B 124 1.63 -2.08 -42.14
N TYR B 125 2.03 -0.83 -41.94
CA TYR B 125 3.31 -0.38 -42.50
C TYR B 125 4.46 -0.25 -41.50
N PHE B 126 4.18 -0.49 -40.23
CA PHE B 126 5.23 -0.42 -39.22
C PHE B 126 4.86 -1.23 -37.98
N ILE B 127 5.88 -1.67 -37.24
CA ILE B 127 5.65 -2.39 -35.99
C ILE B 127 5.85 -1.27 -34.97
N PRO B 128 4.86 -1.06 -34.09
CA PRO B 128 4.92 -0.01 -33.09
C PRO B 128 5.54 -0.24 -31.72
N TYR B 129 5.81 0.89 -31.07
CA TYR B 129 6.30 0.94 -29.70
C TYR B 129 4.98 0.84 -28.92
N VAL B 130 4.81 -0.26 -28.19
CA VAL B 130 3.61 -0.49 -27.40
C VAL B 130 3.93 -0.23 -25.93
N PRO B 131 3.40 0.87 -25.36
CA PRO B 131 3.67 1.17 -23.95
C PRO B 131 2.91 0.20 -23.04
N ASP B 132 3.36 0.11 -21.80
CA ASP B 132 2.70 -0.75 -20.82
C ASP B 132 2.53 0.11 -19.58
N GLY B 133 1.28 0.36 -19.20
CA GLY B 133 1.01 1.19 -18.04
C GLY B 133 -0.40 1.73 -18.10
N VAL B 134 -0.77 2.56 -17.13
CA VAL B 134 -2.11 3.14 -17.08
C VAL B 134 -2.08 4.67 -17.08
N VAL B 135 -1.38 5.26 -16.13
CA VAL B 135 -1.28 6.70 -16.07
C VAL B 135 0.03 7.15 -16.69
N ALA B 136 0.14 8.43 -16.99
CA ALA B 136 1.35 8.99 -17.56
C ALA B 136 1.81 10.11 -16.64
N ARG B 137 1.43 11.34 -16.96
CA ARG B 137 1.81 12.48 -16.14
C ARG B 137 0.85 12.77 -14.99
N GLY B 138 1.35 13.53 -14.01
CA GLY B 138 0.54 13.94 -12.86
C GLY B 138 1.14 15.25 -12.36
N TYR B 139 0.47 15.89 -11.40
CA TYR B 139 0.98 17.15 -10.87
C TYR B 139 1.85 16.95 -9.64
N PHE B 140 2.99 17.64 -9.62
CA PHE B 140 3.93 17.55 -8.51
C PHE B 140 4.29 18.93 -7.98
N ILE B 141 4.31 19.06 -6.66
CA ILE B 141 4.61 20.35 -6.04
C ILE B 141 5.62 20.19 -4.90
N ARG B 142 6.36 21.26 -4.63
CA ARG B 142 7.38 21.25 -3.57
C ARG B 142 6.76 21.32 -2.18
N GLU B 143 6.68 20.17 -1.50
CA GLU B 143 6.10 20.13 -0.16
C GLU B 143 7.00 20.85 0.84
N ASP B 144 8.31 20.77 0.66
CA ASP B 144 9.21 21.45 1.59
C ASP B 144 8.99 22.95 1.53
N TRP B 145 8.60 23.46 0.36
CA TRP B 145 8.33 24.88 0.20
C TRP B 145 6.99 25.23 0.82
N LEU B 146 5.99 24.36 0.62
CA LEU B 146 4.67 24.61 1.19
C LEU B 146 4.81 24.69 2.71
N LYS B 147 5.55 23.74 3.28
CA LYS B 147 5.77 23.69 4.73
C LYS B 147 6.46 24.95 5.25
N LYS B 148 7.53 25.35 4.57
CA LYS B 148 8.27 26.54 4.97
C LYS B 148 7.42 27.80 4.92
N LEU B 149 6.52 27.87 3.94
CA LEU B 149 5.66 29.04 3.76
C LEU B 149 4.31 28.93 4.47
N ASN B 150 4.16 27.86 5.26
CA ASN B 150 2.93 27.61 6.01
C ASN B 150 1.70 27.58 5.11
N LEU B 151 1.85 26.91 3.96
CA LEU B 151 0.76 26.79 3.00
C LEU B 151 0.34 25.34 2.91
N LYS B 152 -0.94 25.11 2.61
CA LYS B 152 -1.46 23.76 2.45
C LYS B 152 -1.48 23.45 0.96
N PRO B 153 -1.45 22.17 0.59
CA PRO B 153 -1.48 21.86 -0.84
C PRO B 153 -2.74 22.47 -1.47
N PRO B 154 -2.59 23.12 -2.63
CA PRO B 154 -3.72 23.76 -3.34
C PRO B 154 -4.79 22.77 -3.77
N GLN B 155 -6.04 23.04 -3.38
CA GLN B 155 -7.16 22.17 -3.72
C GLN B 155 -7.93 22.59 -4.96
N ASN B 156 -7.73 23.84 -5.41
CA ASN B 156 -8.41 24.35 -6.60
C ASN B 156 -7.55 25.39 -7.31
N ILE B 157 -7.99 25.85 -8.47
CA ILE B 157 -7.19 26.80 -9.25
C ILE B 157 -6.95 28.13 -8.53
N ASP B 158 -7.88 28.54 -7.67
CA ASP B 158 -7.70 29.79 -6.93
C ASP B 158 -6.55 29.63 -5.92
N GLU B 159 -6.55 28.49 -5.23
CA GLU B 159 -5.50 28.24 -4.25
C GLU B 159 -4.17 27.97 -4.96
N LEU B 160 -4.23 27.40 -6.17
CA LEU B 160 -3.00 27.12 -6.92
C LEU B 160 -2.31 28.44 -7.25
N TYR B 161 -3.09 29.42 -7.69
CA TYR B 161 -2.54 30.72 -8.03
C TYR B 161 -1.87 31.34 -6.80
N THR B 162 -2.58 31.31 -5.66
CA THR B 162 -2.07 31.86 -4.42
C THR B 162 -0.74 31.21 -4.03
N VAL B 163 -0.66 29.89 -4.17
CA VAL B 163 0.56 29.16 -3.82
C VAL B 163 1.73 29.48 -4.76
N LEU B 164 1.48 29.50 -6.07
CA LEU B 164 2.55 29.80 -7.00
C LEU B 164 3.05 31.24 -6.80
N LYS B 165 2.14 32.14 -6.45
CA LYS B 165 2.48 33.53 -6.20
C LYS B 165 3.39 33.59 -4.97
N ALA B 166 3.09 32.76 -3.98
CA ALA B 166 3.88 32.70 -2.76
C ALA B 166 5.28 32.18 -3.08
N PHE B 167 5.38 31.17 -3.94
CA PHE B 167 6.67 30.62 -4.33
C PHE B 167 7.51 31.69 -5.00
N LYS B 168 6.85 32.49 -5.85
CA LYS B 168 7.53 33.55 -6.59
C LYS B 168 8.01 34.71 -5.72
N GLU B 169 7.18 35.12 -4.78
CA GLU B 169 7.50 36.29 -3.96
C GLU B 169 8.01 36.09 -2.54
N LYS B 170 7.90 34.90 -1.97
CA LYS B 170 8.32 34.72 -0.59
C LYS B 170 9.66 34.04 -0.30
N ASP B 171 10.53 34.00 -1.31
CA ASP B 171 11.88 33.46 -1.17
C ASP B 171 11.95 32.11 -0.46
N PRO B 172 11.21 31.10 -0.94
CA PRO B 172 11.27 29.81 -0.27
C PRO B 172 12.64 29.11 -0.28
N ASN B 173 13.51 29.42 -1.24
CA ASN B 173 14.82 28.77 -1.22
C ASN B 173 15.78 29.52 -0.29
N GLY B 174 15.25 30.58 0.32
CA GLY B 174 15.98 31.38 1.28
C GLY B 174 17.30 32.04 0.94
N ASN B 175 17.47 32.49 -0.29
CA ASN B 175 18.74 33.15 -0.63
C ASN B 175 18.61 34.67 -0.71
N GLY B 176 17.43 35.19 -0.35
CA GLY B 176 17.22 36.62 -0.38
C GLY B 176 17.04 37.19 -1.77
N LYS B 177 16.80 36.31 -2.74
CA LYS B 177 16.62 36.73 -4.12
C LYS B 177 15.29 36.21 -4.67
N ALA B 178 14.67 37.00 -5.56
CA ALA B 178 13.42 36.58 -6.18
C ALA B 178 13.81 35.80 -7.42
N ASP B 179 14.37 34.62 -7.22
CA ASP B 179 14.81 33.78 -8.33
C ASP B 179 13.98 32.52 -8.54
N GLU B 180 13.00 32.29 -7.67
CA GLU B 180 12.16 31.11 -7.81
C GLU B 180 11.30 31.21 -9.06
N VAL B 181 11.10 30.07 -9.71
CA VAL B 181 10.29 29.95 -10.92
C VAL B 181 9.24 28.91 -10.55
N PRO B 182 8.02 29.36 -10.19
CA PRO B 182 6.91 28.49 -9.81
C PRO B 182 6.66 27.25 -10.66
N PHE B 183 6.34 27.44 -11.92
CA PHE B 183 6.06 26.32 -12.81
C PHE B 183 7.15 26.13 -13.85
N ILE B 184 7.63 24.90 -13.95
CA ILE B 184 8.66 24.55 -14.92
C ILE B 184 8.22 23.23 -15.54
N ASP B 185 8.75 22.91 -16.73
CA ASP B 185 8.40 21.65 -17.37
C ASP B 185 9.35 21.34 -18.52
N ARG B 186 9.80 20.09 -18.60
CA ARG B 186 10.71 19.72 -19.68
C ARG B 186 10.01 19.64 -21.03
N HIS B 187 8.68 19.61 -21.02
CA HIS B 187 7.94 19.60 -22.26
C HIS B 187 7.22 20.94 -22.40
N PRO B 188 7.66 21.77 -23.35
CA PRO B 188 7.05 23.09 -23.57
C PRO B 188 5.54 23.03 -23.71
N ASP B 189 5.07 22.00 -24.39
CA ASP B 189 3.64 21.81 -24.64
C ASP B 189 2.79 21.79 -23.37
N GLU B 190 3.40 21.49 -22.24
CA GLU B 190 2.64 21.46 -21.00
C GLU B 190 2.14 22.84 -20.59
N VAL B 191 2.73 23.89 -21.13
CA VAL B 191 2.28 25.23 -20.78
C VAL B 191 0.85 25.43 -21.31
N PHE B 192 0.53 24.78 -22.43
CA PHE B 192 -0.81 24.90 -22.99
C PHE B 192 -1.78 24.01 -22.26
N ARG B 193 -1.29 22.90 -21.72
CA ARG B 193 -2.15 21.99 -20.96
C ARG B 193 -2.65 22.69 -19.70
N LEU B 194 -2.04 23.82 -19.35
CA LEU B 194 -2.48 24.55 -18.17
C LEU B 194 -3.90 25.07 -18.34
N VAL B 195 -4.39 25.18 -19.59
CA VAL B 195 -5.74 25.67 -19.80
C VAL B 195 -6.77 24.73 -19.17
N ASN B 196 -6.34 23.53 -18.82
CA ASN B 196 -7.24 22.56 -18.19
C ASN B 196 -7.78 23.15 -16.88
N PHE B 197 -6.99 24.00 -16.24
CA PHE B 197 -7.40 24.59 -14.98
C PHE B 197 -8.55 25.57 -15.13
N TRP B 198 -8.88 25.90 -16.37
CA TRP B 198 -10.01 26.78 -16.65
C TRP B 198 -11.05 26.05 -17.50
N GLY B 199 -11.06 24.73 -17.38
CA GLY B 199 -12.05 23.91 -18.06
C GLY B 199 -11.94 23.71 -19.56
N ALA B 200 -10.78 24.03 -20.13
CA ALA B 200 -10.58 23.85 -21.56
C ALA B 200 -9.61 22.71 -21.80
N ARG B 201 -9.89 21.90 -22.81
CA ARG B 201 -8.98 20.80 -23.15
C ARG B 201 -7.85 21.37 -24.00
N SER B 202 -6.69 20.71 -23.99
CA SER B 202 -5.56 21.16 -24.80
C SER B 202 -5.26 20.03 -25.78
N SER B 203 -5.70 18.83 -25.43
CA SER B 203 -5.48 17.66 -26.27
C SER B 203 -6.35 16.48 -25.88
N GLY B 204 -6.65 15.63 -26.85
CA GLY B 204 -7.47 14.47 -26.56
C GLY B 204 -6.64 13.27 -26.11
N SER B 205 -5.31 13.42 -26.06
CA SER B 205 -4.47 12.29 -25.65
C SER B 205 -3.08 12.69 -25.16
N ASP B 206 -2.25 11.66 -24.98
CA ASP B 206 -0.87 11.81 -24.54
C ASP B 206 -0.03 12.42 -25.66
N ASN B 207 -0.62 12.54 -26.85
CA ASN B 207 0.06 13.18 -27.97
C ASN B 207 -0.44 14.62 -27.86
N TYR B 208 0.48 15.57 -27.76
CA TYR B 208 0.08 16.96 -27.63
C TYR B 208 -0.73 17.44 -28.83
N MET B 209 -1.68 18.34 -28.56
CA MET B 209 -2.52 18.93 -29.61
C MET B 209 -3.33 17.92 -30.41
N ASP B 210 -3.77 16.85 -29.76
CA ASP B 210 -4.55 15.83 -30.45
C ASP B 210 -6.04 16.16 -30.42
N PHE B 211 -6.78 15.59 -31.36
CA PHE B 211 -8.22 15.80 -31.43
C PHE B 211 -8.88 15.05 -30.28
N TYR B 212 -10.15 15.34 -30.02
CA TYR B 212 -10.87 14.63 -28.98
C TYR B 212 -12.33 14.52 -29.37
N ILE B 213 -13.06 13.67 -28.65
CA ILE B 213 -14.48 13.46 -28.92
C ILE B 213 -15.33 14.05 -27.82
N ASP B 214 -16.33 14.84 -28.19
CA ASP B 214 -17.23 15.42 -27.21
C ASP B 214 -18.66 15.08 -27.62
N ASN B 215 -19.28 14.16 -26.89
CA ASN B 215 -20.64 13.73 -27.19
C ASN B 215 -20.79 13.30 -28.64
N GLY B 216 -19.90 12.42 -29.07
CA GLY B 216 -19.94 11.91 -30.43
C GLY B 216 -19.46 12.84 -31.52
N ARG B 217 -19.01 14.03 -31.15
CA ARG B 217 -18.53 15.00 -32.13
C ARG B 217 -17.01 15.17 -32.07
N VAL B 218 -16.36 15.04 -33.22
CA VAL B 218 -14.91 15.21 -33.27
C VAL B 218 -14.60 16.70 -33.21
N LYS B 219 -13.71 17.09 -32.31
CA LYS B 219 -13.35 18.50 -32.18
C LYS B 219 -11.84 18.63 -32.01
N HIS B 220 -11.33 19.82 -32.26
CA HIS B 220 -9.92 20.01 -31.97
C HIS B 220 -9.93 21.05 -30.86
N PRO B 221 -9.31 20.71 -29.72
CA PRO B 221 -9.23 21.58 -28.55
C PRO B 221 -8.82 23.03 -28.80
N TRP B 222 -7.82 23.23 -29.65
CA TRP B 222 -7.32 24.58 -29.91
C TRP B 222 -8.23 25.46 -30.75
N ALA B 223 -9.33 24.90 -31.26
CA ALA B 223 -10.24 25.67 -32.08
C ALA B 223 -11.46 26.16 -31.29
N GLU B 224 -11.62 25.64 -30.07
CA GLU B 224 -12.76 25.98 -29.22
C GLU B 224 -12.62 27.29 -28.44
N THR B 225 -13.74 27.95 -28.18
CA THR B 225 -13.71 29.20 -27.44
C THR B 225 -13.17 28.99 -26.02
N ALA B 226 -13.33 27.80 -25.48
CA ALA B 226 -12.83 27.50 -24.14
C ALA B 226 -11.32 27.68 -24.11
N PHE B 227 -10.67 27.36 -25.22
CA PHE B 227 -9.21 27.48 -25.32
C PHE B 227 -8.82 28.96 -25.31
N ARG B 228 -9.59 29.79 -26.01
CA ARG B 228 -9.33 31.22 -26.05
C ARG B 228 -9.34 31.76 -24.62
N ASP B 229 -10.42 31.47 -23.90
CA ASP B 229 -10.57 31.95 -22.53
C ASP B 229 -9.47 31.42 -21.61
N GLY B 230 -9.09 30.16 -21.79
CA GLY B 230 -8.04 29.58 -20.96
C GLY B 230 -6.69 30.20 -21.25
N MET B 231 -6.42 30.49 -22.53
CA MET B 231 -5.13 31.07 -22.90
C MET B 231 -4.92 32.48 -22.34
N LYS B 232 -5.99 33.21 -22.11
CA LYS B 232 -5.84 34.55 -21.54
C LYS B 232 -5.26 34.40 -20.13
N HIS B 233 -5.66 33.34 -19.43
CA HIS B 233 -5.18 33.09 -18.08
C HIS B 233 -3.71 32.67 -18.12
N VAL B 234 -3.37 31.75 -19.03
CA VAL B 234 -1.99 31.30 -19.13
C VAL B 234 -1.07 32.47 -19.50
N ALA B 235 -1.54 33.32 -20.40
CA ALA B 235 -0.75 34.49 -20.82
C ALA B 235 -0.48 35.37 -19.61
N GLN B 236 -1.48 35.54 -18.75
CA GLN B 236 -1.34 36.36 -17.55
C GLN B 236 -0.31 35.75 -16.60
N TRP B 237 -0.37 34.44 -16.42
CA TRP B 237 0.58 33.75 -15.54
C TRP B 237 2.01 33.93 -16.05
N TYR B 238 2.19 33.90 -17.36
CA TYR B 238 3.52 34.06 -17.93
C TYR B 238 3.98 35.49 -17.71
N LYS B 239 3.06 36.45 -17.90
CA LYS B 239 3.37 37.86 -17.72
C LYS B 239 3.80 38.12 -16.26
N GLU B 240 3.15 37.45 -15.33
CA GLU B 240 3.45 37.61 -13.90
C GLU B 240 4.67 36.81 -13.46
N GLY B 241 5.26 36.06 -14.39
CA GLY B 241 6.44 35.27 -14.07
C GLY B 241 6.20 33.98 -13.32
N LEU B 242 4.95 33.53 -13.26
CA LEU B 242 4.64 32.28 -12.57
C LEU B 242 5.07 31.09 -13.42
N ILE B 243 5.26 31.33 -14.70
CA ILE B 243 5.69 30.31 -15.66
C ILE B 243 7.11 30.62 -16.13
N ASP B 244 7.95 29.59 -16.14
CA ASP B 244 9.35 29.71 -16.59
C ASP B 244 9.42 30.54 -17.87
N LYS B 245 10.19 31.62 -17.83
CA LYS B 245 10.33 32.49 -18.98
C LYS B 245 10.87 31.72 -20.19
N GLU B 246 11.71 30.73 -19.92
CA GLU B 246 12.30 29.91 -20.99
C GLU B 246 11.57 28.59 -21.20
N ILE B 247 10.28 28.58 -20.86
CA ILE B 247 9.47 27.36 -20.99
C ILE B 247 9.49 26.76 -22.39
N PHE B 248 9.61 27.59 -23.43
CA PHE B 248 9.63 27.06 -24.78
C PHE B 248 10.97 26.55 -25.29
N THR B 249 12.05 26.85 -24.57
CA THR B 249 13.37 26.43 -25.00
C THR B 249 14.20 25.59 -24.04
N ARG B 250 13.94 25.68 -22.74
CA ARG B 250 14.73 24.92 -21.76
C ARG B 250 14.69 23.44 -22.11
N LYS B 251 13.50 22.88 -22.17
CA LYS B 251 13.27 21.48 -22.55
C LYS B 251 13.87 20.33 -21.72
N ALA B 252 14.43 19.35 -22.42
CA ALA B 252 15.00 18.12 -21.86
C ALA B 252 15.44 18.06 -20.40
N LYS B 253 16.40 18.89 -20.01
CA LYS B 253 16.90 18.86 -18.65
C LYS B 253 16.32 19.89 -17.70
N ALA B 254 15.08 20.32 -17.96
CA ALA B 254 14.44 21.31 -17.11
C ALA B 254 14.38 20.89 -15.65
N ARG B 255 14.11 19.61 -15.40
CA ARG B 255 14.03 19.14 -14.02
C ARG B 255 15.39 19.20 -13.33
N GLU B 256 16.42 18.68 -13.99
CA GLU B 256 17.76 18.69 -13.40
C GLU B 256 18.20 20.13 -13.12
N GLN B 257 17.94 21.01 -14.07
CA GLN B 257 18.30 22.42 -13.96
C GLN B 257 17.53 23.19 -12.89
N MET B 258 16.21 23.18 -13.00
CA MET B 258 15.36 23.93 -12.08
C MET B 258 15.15 23.32 -10.71
N PHE B 259 15.06 21.99 -10.63
CA PHE B 259 14.91 21.37 -9.32
C PHE B 259 16.28 21.26 -8.66
N GLY B 260 17.28 20.93 -9.46
CA GLY B 260 18.63 20.81 -8.96
C GLY B 260 19.16 22.16 -8.48
N GLY B 261 18.73 23.23 -9.14
CA GLY B 261 19.17 24.56 -8.75
C GLY B 261 18.27 25.17 -7.70
N ASN B 262 17.29 24.39 -7.25
CA ASN B 262 16.33 24.80 -6.22
C ASN B 262 15.57 26.06 -6.63
N LEU B 263 15.08 26.07 -7.86
CA LEU B 263 14.34 27.21 -8.40
C LEU B 263 12.88 26.88 -8.72
N GLY B 264 12.64 25.64 -9.15
CA GLY B 264 11.29 25.23 -9.52
C GLY B 264 10.44 24.68 -8.40
N GLY B 265 9.14 24.99 -8.43
CA GLY B 265 8.26 24.50 -7.38
C GLY B 265 7.05 23.70 -7.80
N PHE B 266 6.76 23.61 -9.09
CA PHE B 266 5.57 22.91 -9.56
C PHE B 266 5.75 22.45 -11.00
N THR B 267 5.29 21.24 -11.33
CA THR B 267 5.40 20.75 -12.71
C THR B 267 4.36 19.67 -12.99
N HIS B 268 4.18 19.34 -14.27
CA HIS B 268 3.26 18.29 -14.68
C HIS B 268 4.16 17.35 -15.48
N ASP B 269 4.50 16.22 -14.89
CA ASP B 269 5.41 15.28 -15.54
C ASP B 269 5.10 13.84 -15.11
N TRP B 270 5.86 12.88 -15.62
CA TRP B 270 5.66 11.47 -15.31
C TRP B 270 5.93 11.10 -13.85
N PHE B 271 5.09 10.25 -13.29
CA PHE B 271 5.21 9.82 -11.90
C PHE B 271 6.55 9.19 -11.51
N ALA B 272 6.97 8.16 -12.23
CA ALA B 272 8.21 7.47 -11.87
C ALA B 272 9.45 8.34 -11.86
N SER B 273 9.79 8.93 -13.01
CA SER B 273 11.00 9.74 -13.08
C SER B 273 10.96 11.03 -12.26
N THR B 274 9.80 11.68 -12.20
CA THR B 274 9.74 12.93 -11.44
C THR B 274 9.97 12.69 -9.95
N MET B 275 9.51 11.54 -9.46
CA MET B 275 9.69 11.25 -8.04
C MET B 275 11.09 10.78 -7.67
N THR B 276 11.93 10.49 -8.67
CA THR B 276 13.30 10.05 -8.39
C THR B 276 14.15 11.22 -7.88
N PHE B 277 13.69 12.43 -8.11
CA PHE B 277 14.45 13.61 -7.67
C PHE B 277 14.47 13.78 -6.16
N ASN B 278 13.55 13.13 -5.46
CA ASN B 278 13.54 13.25 -4.02
C ASN B 278 14.81 12.64 -3.43
N GLU B 279 15.19 11.47 -3.90
CA GLU B 279 16.40 10.83 -3.41
C GLU B 279 17.61 11.39 -4.14
N GLY B 280 17.42 11.76 -5.41
CA GLY B 280 18.52 12.30 -6.19
C GLY B 280 19.08 13.63 -5.72
N LEU B 281 18.23 14.49 -5.19
CA LEU B 281 18.65 15.80 -4.72
C LEU B 281 18.73 15.90 -3.20
N ALA B 282 18.53 14.77 -2.53
CA ALA B 282 18.56 14.73 -1.07
C ALA B 282 19.81 15.40 -0.48
N LYS B 283 20.94 15.24 -1.15
CA LYS B 283 22.20 15.81 -0.67
C LYS B 283 22.44 17.24 -1.12
N THR B 284 22.31 17.49 -2.42
CA THR B 284 22.54 18.83 -2.98
C THR B 284 21.50 19.87 -2.59
N VAL B 285 20.25 19.45 -2.42
CA VAL B 285 19.19 20.37 -2.04
C VAL B 285 18.52 19.86 -0.76
N PRO B 286 19.13 20.15 0.40
CA PRO B 286 18.58 19.71 1.68
C PRO B 286 17.09 19.99 1.85
N GLY B 287 16.32 18.95 2.15
CA GLY B 287 14.90 19.10 2.36
C GLY B 287 14.02 18.95 1.13
N PHE B 288 14.62 18.97 -0.05
CA PHE B 288 13.86 18.84 -1.29
C PHE B 288 12.84 17.72 -1.21
N LYS B 289 11.58 18.04 -1.49
CA LYS B 289 10.53 17.03 -1.44
C LYS B 289 9.35 17.36 -2.35
N LEU B 290 9.23 16.62 -3.44
CA LEU B 290 8.11 16.79 -4.35
C LEU B 290 7.06 15.78 -3.94
N ILE B 291 5.79 16.19 -3.97
CA ILE B 291 4.71 15.29 -3.65
C ILE B 291 3.70 15.33 -4.77
N PRO B 292 3.07 14.18 -5.08
CA PRO B 292 2.09 14.21 -6.14
C PRO B 292 0.81 14.78 -5.53
N ILE B 293 0.07 15.57 -6.28
CA ILE B 293 -1.18 16.11 -5.76
C ILE B 293 -2.29 15.89 -6.77
N ALA B 294 -3.50 15.65 -6.27
CA ALA B 294 -4.63 15.48 -7.16
C ALA B 294 -4.72 16.80 -7.92
N PRO B 295 -5.16 16.76 -9.18
CA PRO B 295 -5.26 17.99 -9.96
C PRO B 295 -6.13 19.01 -9.24
N PRO B 296 -5.62 20.22 -8.98
CA PRO B 296 -6.49 21.18 -8.29
C PRO B 296 -7.79 21.37 -9.09
N THR B 297 -8.91 21.39 -8.39
CA THR B 297 -10.21 21.57 -9.05
C THR B 297 -10.18 22.78 -9.99
N ASN B 298 -10.56 22.59 -11.25
CA ASN B 298 -10.52 23.71 -12.19
C ASN B 298 -11.68 24.67 -11.98
N SER B 299 -11.70 25.75 -12.76
CA SER B 299 -12.73 26.76 -12.63
C SER B 299 -14.14 26.25 -12.92
N LYS B 300 -14.24 25.08 -13.52
CA LYS B 300 -15.54 24.50 -13.84
C LYS B 300 -15.93 23.41 -12.86
N GLY B 301 -15.19 23.33 -11.75
CA GLY B 301 -15.48 22.35 -10.71
C GLY B 301 -15.04 20.92 -10.94
N GLN B 302 -14.10 20.69 -11.86
CA GLN B 302 -13.64 19.34 -12.16
C GLN B 302 -12.14 19.18 -11.92
N ARG B 303 -11.74 18.00 -11.45
CA ARG B 303 -10.32 17.71 -11.25
C ARG B 303 -9.90 16.95 -12.51
N TRP B 304 -9.08 17.60 -13.33
CA TRP B 304 -8.66 17.03 -14.61
C TRP B 304 -7.22 16.57 -14.78
N GLU B 305 -7.05 15.34 -15.26
CA GLU B 305 -5.73 14.83 -15.61
C GLU B 305 -5.96 14.43 -17.06
N GLU B 306 -5.53 15.29 -17.98
CA GLU B 306 -5.75 15.06 -19.41
C GLU B 306 -4.86 13.99 -20.02
N ASP B 307 -3.68 13.79 -19.44
CA ASP B 307 -2.72 12.82 -19.94
C ASP B 307 -3.02 11.41 -19.47
N SER B 308 -2.61 10.43 -20.28
CA SER B 308 -2.81 9.01 -19.97
C SER B 308 -1.81 8.19 -20.76
N ARG B 309 -1.62 6.93 -20.37
CA ARG B 309 -0.69 6.06 -21.09
C ARG B 309 -1.40 5.56 -22.35
N GLN B 310 -0.74 5.70 -23.50
CA GLN B 310 -1.33 5.27 -24.77
C GLN B 310 -1.30 3.75 -24.93
N LYS B 311 -2.30 3.20 -25.61
CA LYS B 311 -2.34 1.77 -25.87
C LYS B 311 -1.21 1.45 -26.84
N VAL B 312 -0.86 2.44 -27.66
CA VAL B 312 0.21 2.31 -28.64
C VAL B 312 0.65 3.72 -29.04
N ARG B 313 1.96 3.94 -29.07
CA ARG B 313 2.47 5.27 -29.45
C ARG B 313 2.70 5.33 -30.95
N PRO B 314 2.74 6.55 -31.51
CA PRO B 314 2.95 6.75 -32.95
C PRO B 314 4.43 6.63 -33.31
N ASP B 315 5.10 5.66 -32.71
CA ASP B 315 6.53 5.41 -32.92
C ASP B 315 6.74 3.96 -33.34
N GLY B 316 7.92 3.67 -33.91
CA GLY B 316 8.22 2.31 -34.31
C GLY B 316 9.15 2.25 -35.50
N TRP B 317 9.17 1.11 -36.19
CA TRP B 317 10.01 1.00 -37.38
C TRP B 317 9.34 0.24 -38.51
N ALA B 318 9.81 0.49 -39.72
CA ALA B 318 9.25 -0.09 -40.92
C ALA B 318 10.31 -0.68 -41.84
N ILE B 319 9.84 -1.49 -42.78
CA ILE B 319 10.69 -2.14 -43.76
C ILE B 319 10.53 -1.40 -45.09
N THR B 320 11.62 -0.90 -45.66
CA THR B 320 11.54 -0.20 -46.93
C THR B 320 11.43 -1.17 -48.09
N VAL B 321 11.00 -0.65 -49.24
CA VAL B 321 10.86 -1.47 -50.43
C VAL B 321 12.22 -1.90 -50.98
N LYS B 322 13.28 -1.26 -50.52
CA LYS B 322 14.63 -1.60 -50.98
C LYS B 322 15.29 -2.69 -50.14
N ASN B 323 14.62 -3.09 -49.06
CA ASN B 323 15.15 -4.14 -48.17
C ASN B 323 15.03 -5.47 -48.91
N LYS B 324 16.16 -6.08 -49.24
CA LYS B 324 16.15 -7.36 -49.96
C LYS B 324 15.92 -8.56 -49.07
N ASN B 325 15.83 -8.33 -47.76
CA ASN B 325 15.60 -9.42 -46.80
C ASN B 325 14.41 -9.15 -45.89
N PRO B 326 13.20 -9.02 -46.46
CA PRO B 326 12.00 -8.77 -45.67
C PRO B 326 11.67 -9.86 -44.66
N VAL B 327 11.90 -11.12 -45.03
CA VAL B 327 11.61 -12.22 -44.12
C VAL B 327 12.50 -12.17 -42.88
N GLU B 328 13.81 -12.04 -43.08
CA GLU B 328 14.74 -11.98 -41.95
C GLU B 328 14.44 -10.74 -41.12
N THR B 329 14.08 -9.65 -41.78
CA THR B 329 13.79 -8.42 -41.05
C THR B 329 12.54 -8.54 -40.17
N ILE B 330 11.47 -9.15 -40.67
CA ILE B 330 10.27 -9.27 -39.86
C ILE B 330 10.53 -10.22 -38.69
N LYS B 331 11.40 -11.20 -38.89
CA LYS B 331 11.74 -12.13 -37.82
C LYS B 331 12.55 -11.39 -36.76
N PHE B 332 13.37 -10.45 -37.20
CA PHE B 332 14.17 -9.63 -36.29
C PHE B 332 13.20 -8.76 -35.48
N PHE B 333 12.23 -8.18 -36.17
CA PHE B 333 11.23 -7.35 -35.49
C PHE B 333 10.46 -8.20 -34.46
N ASP B 334 10.16 -9.44 -34.82
CA ASP B 334 9.42 -10.33 -33.94
C ASP B 334 10.13 -10.58 -32.61
N PHE B 335 11.45 -10.61 -32.65
CA PHE B 335 12.27 -10.83 -31.46
C PHE B 335 11.87 -9.87 -30.35
N TYR B 336 11.54 -8.63 -30.73
CA TYR B 336 11.18 -7.62 -29.74
C TYR B 336 9.80 -7.74 -29.12
N PHE B 337 9.06 -8.77 -29.51
CA PHE B 337 7.75 -9.01 -28.92
C PHE B 337 7.79 -10.37 -28.21
N SER B 338 8.98 -10.94 -28.14
CA SER B 338 9.20 -12.22 -27.47
C SER B 338 9.83 -11.90 -26.12
N ARG B 339 9.76 -12.82 -25.18
CA ARG B 339 10.33 -12.57 -23.85
C ARG B 339 11.82 -12.21 -23.88
N PRO B 340 12.64 -12.96 -24.61
CA PRO B 340 14.08 -12.63 -24.65
C PRO B 340 14.33 -11.22 -25.17
N GLY B 341 13.59 -10.84 -26.19
CA GLY B 341 13.73 -9.52 -26.79
C GLY B 341 13.18 -8.41 -25.92
N ARG B 342 12.06 -8.68 -25.24
CA ARG B 342 11.47 -7.68 -24.36
C ARG B 342 12.41 -7.46 -23.17
N ASP B 343 13.16 -8.49 -22.80
CA ASP B 343 14.10 -8.37 -21.70
C ASP B 343 15.16 -7.31 -21.98
N ILE B 344 15.86 -7.42 -23.11
CA ILE B 344 16.91 -6.45 -23.39
C ILE B 344 16.38 -5.07 -23.75
N SER B 345 15.29 -5.01 -24.51
CA SER B 345 14.73 -3.72 -24.91
C SER B 345 14.10 -2.97 -23.74
N ASN B 346 13.81 -3.68 -22.66
CA ASN B 346 13.21 -3.06 -21.48
C ASN B 346 14.17 -2.91 -20.30
N PHE B 347 15.08 -3.87 -20.13
CA PHE B 347 16.00 -3.85 -19.00
C PHE B 347 17.48 -3.63 -19.27
N GLY B 348 17.90 -3.73 -20.53
CA GLY B 348 19.31 -3.52 -20.84
C GLY B 348 20.06 -4.81 -21.17
N VAL B 349 21.13 -5.07 -20.44
CA VAL B 349 21.94 -6.27 -20.69
C VAL B 349 22.16 -7.07 -19.41
N PRO B 350 21.95 -8.40 -19.49
CA PRO B 350 22.14 -9.25 -18.31
C PRO B 350 23.59 -9.21 -17.82
N GLY B 351 23.76 -9.13 -16.50
CA GLY B 351 25.08 -9.08 -15.93
C GLY B 351 25.64 -7.67 -15.93
N VAL B 352 24.89 -6.74 -16.53
CA VAL B 352 25.31 -5.35 -16.61
C VAL B 352 24.30 -4.44 -15.91
N THR B 353 23.04 -4.50 -16.34
CA THR B 353 22.01 -3.67 -15.71
C THR B 353 20.97 -4.51 -14.98
N TYR B 354 20.88 -5.79 -15.33
CA TYR B 354 19.93 -6.68 -14.69
C TYR B 354 20.40 -8.14 -14.67
N ASP B 355 19.70 -8.95 -13.89
CA ASP B 355 19.98 -10.38 -13.79
C ASP B 355 18.64 -11.10 -13.74
N ILE B 356 18.61 -12.35 -14.20
CA ILE B 356 17.36 -13.10 -14.16
C ILE B 356 17.25 -13.75 -12.79
N LYS B 357 16.13 -13.48 -12.12
CA LYS B 357 15.87 -14.04 -10.80
C LYS B 357 14.44 -14.57 -10.76
N ASN B 358 14.27 -15.80 -10.32
CA ASN B 358 12.95 -16.40 -10.27
C ASN B 358 12.29 -16.33 -11.64
N GLY B 359 13.10 -16.43 -12.69
CA GLY B 359 12.59 -16.40 -14.05
C GLY B 359 12.24 -15.03 -14.63
N LYS B 360 12.55 -13.95 -13.91
CA LYS B 360 12.24 -12.61 -14.41
C LYS B 360 13.40 -11.64 -14.26
N ALA B 361 13.40 -10.61 -15.10
CA ALA B 361 14.44 -9.60 -15.10
C ALA B 361 14.36 -8.69 -13.87
N VAL B 362 15.48 -8.59 -13.16
CA VAL B 362 15.56 -7.75 -11.96
C VAL B 362 16.76 -6.81 -12.06
N PHE B 363 16.51 -5.51 -11.96
CA PHE B 363 17.58 -4.52 -12.03
C PHE B 363 18.54 -4.67 -10.88
N LYS B 364 19.82 -4.42 -11.14
CA LYS B 364 20.85 -4.50 -10.12
C LYS B 364 20.68 -3.33 -9.15
N ASP B 365 21.18 -3.50 -7.93
CA ASP B 365 21.06 -2.44 -6.94
C ASP B 365 21.67 -1.13 -7.42
N SER B 366 22.80 -1.21 -8.12
CA SER B 366 23.47 -0.02 -8.62
C SER B 366 22.55 0.83 -9.50
N VAL B 367 21.77 0.15 -10.33
CA VAL B 367 20.83 0.83 -11.22
C VAL B 367 19.70 1.48 -10.41
N LEU B 368 19.19 0.75 -9.42
CA LEU B 368 18.10 1.26 -8.60
C LEU B 368 18.52 2.34 -7.61
N LYS B 369 19.82 2.43 -7.32
CA LYS B 369 20.29 3.44 -6.38
C LYS B 369 20.86 4.69 -7.07
N SER B 370 21.07 4.61 -8.38
CA SER B 370 21.61 5.73 -9.12
C SER B 370 20.68 6.95 -9.07
N PRO B 371 21.26 8.16 -9.04
CA PRO B 371 20.47 9.39 -9.00
C PRO B 371 19.87 9.73 -10.36
N GLN B 372 20.23 8.96 -11.38
CA GLN B 372 19.71 9.17 -12.73
C GLN B 372 18.49 8.26 -12.92
N PRO B 373 17.37 8.81 -13.41
CA PRO B 373 16.17 7.98 -13.61
C PRO B 373 16.52 6.76 -14.45
N VAL B 374 15.97 5.60 -14.08
CA VAL B 374 16.27 4.38 -14.80
C VAL B 374 16.01 4.48 -16.30
N ASN B 375 14.92 5.11 -16.72
CA ASN B 375 14.70 5.19 -18.16
C ASN B 375 15.81 5.98 -18.84
N ASN B 376 16.31 7.03 -18.20
CA ASN B 376 17.41 7.81 -18.76
C ASN B 376 18.66 6.96 -18.85
N GLN B 377 18.89 6.13 -17.84
CA GLN B 377 20.05 5.23 -17.82
C GLN B 377 19.97 4.27 -19.01
N LEU B 378 18.76 3.78 -19.26
CA LEU B 378 18.56 2.82 -20.35
C LEU B 378 18.66 3.44 -21.73
N TYR B 379 18.20 4.69 -21.91
CA TYR B 379 18.28 5.32 -23.22
C TYR B 379 19.74 5.34 -23.66
N ASP B 380 20.62 5.70 -22.73
CA ASP B 380 22.05 5.80 -23.00
C ASP B 380 22.72 4.52 -23.51
N MET B 381 22.07 3.37 -23.31
CA MET B 381 22.64 2.11 -23.75
C MET B 381 21.79 1.38 -24.79
N GLY B 382 20.78 2.06 -25.30
CA GLY B 382 19.92 1.47 -26.32
C GLY B 382 18.65 0.77 -25.91
N ALA B 383 18.19 1.01 -24.68
CA ALA B 383 16.96 0.39 -24.22
C ALA B 383 15.90 1.47 -23.99
N GLN B 384 14.63 1.06 -23.95
CA GLN B 384 13.51 1.98 -23.79
C GLN B 384 13.55 3.04 -24.89
N ILE B 385 13.97 2.62 -26.09
CA ILE B 385 14.03 3.52 -27.24
C ILE B 385 12.83 3.23 -28.15
N PRO B 386 12.40 4.23 -28.94
CA PRO B 386 11.25 4.10 -29.84
C PRO B 386 11.31 3.22 -31.08
N ILE B 387 11.79 1.99 -30.90
CA ILE B 387 11.81 1.03 -32.00
C ILE B 387 10.48 0.29 -31.81
N GLY B 388 10.22 -0.69 -32.65
CA GLY B 388 9.00 -1.47 -32.47
C GLY B 388 9.30 -2.49 -31.38
N PHE B 389 8.64 -2.38 -30.23
CA PHE B 389 8.86 -3.33 -29.15
C PHE B 389 7.71 -3.28 -28.17
N TRP B 390 7.59 -4.33 -27.37
CA TRP B 390 6.51 -4.42 -26.38
C TRP B 390 7.06 -4.04 -25.01
N GLN B 391 6.68 -2.87 -24.52
CA GLN B 391 7.17 -2.43 -23.21
C GLN B 391 6.63 -3.36 -22.12
N ASP B 392 7.41 -3.50 -21.04
CA ASP B 392 7.07 -4.35 -19.89
C ASP B 392 7.00 -3.44 -18.67
N TYR B 393 5.79 -3.22 -18.14
CA TYR B 393 5.66 -2.32 -17.00
C TYR B 393 6.43 -2.73 -15.75
N ASP B 394 6.78 -4.00 -15.62
CA ASP B 394 7.54 -4.39 -14.44
C ASP B 394 8.90 -3.71 -14.41
N TYR B 395 9.39 -3.27 -15.57
CA TYR B 395 10.68 -2.59 -15.61
C TYR B 395 10.51 -1.29 -14.82
N GLU B 396 9.35 -0.65 -15.03
CA GLU B 396 9.05 0.62 -14.38
C GLU B 396 8.67 0.46 -12.91
N ARG B 397 7.91 -0.59 -12.60
CA ARG B 397 7.50 -0.81 -11.23
C ARG B 397 8.71 -0.90 -10.30
N GLN B 398 9.79 -1.50 -10.77
CA GLN B 398 10.98 -1.65 -9.95
C GLN B 398 11.61 -0.35 -9.47
N TRP B 399 11.46 0.73 -10.23
CA TRP B 399 12.03 2.01 -9.80
C TRP B 399 10.98 3.06 -9.50
N THR B 400 9.74 2.62 -9.32
CA THR B 400 8.64 3.52 -8.96
C THR B 400 8.63 3.45 -7.44
N THR B 401 8.98 4.57 -6.78
CA THR B 401 9.03 4.59 -5.33
C THR B 401 7.66 4.37 -4.69
N PRO B 402 7.62 4.00 -3.40
CA PRO B 402 6.33 3.78 -2.74
C PRO B 402 5.48 5.05 -2.79
N GLU B 403 6.13 6.20 -2.63
CA GLU B 403 5.43 7.47 -2.67
C GLU B 403 4.87 7.72 -4.08
N ALA B 404 5.66 7.38 -5.09
CA ALA B 404 5.21 7.57 -6.47
C ALA B 404 4.02 6.65 -6.73
N GLN B 405 4.10 5.42 -6.25
CA GLN B 405 3.03 4.45 -6.44
C GLN B 405 1.75 4.92 -5.76
N ALA B 406 1.88 5.53 -4.59
CA ALA B 406 0.71 6.04 -3.88
C ALA B 406 0.06 7.14 -4.71
N GLY B 407 0.89 7.91 -5.43
CA GLY B 407 0.37 8.96 -6.27
C GLY B 407 -0.41 8.38 -7.44
N ILE B 408 0.15 7.34 -8.06
CA ILE B 408 -0.51 6.68 -9.17
C ILE B 408 -1.84 6.10 -8.69
N ASP B 409 -1.80 5.39 -7.58
CA ASP B 409 -3.02 4.78 -7.04
C ASP B 409 -4.08 5.82 -6.70
N MET B 410 -3.64 6.99 -6.26
CA MET B 410 -4.55 8.08 -5.92
C MET B 410 -5.27 8.57 -7.17
N TYR B 411 -4.52 8.71 -8.26
CA TYR B 411 -5.09 9.17 -9.52
C TYR B 411 -6.07 8.14 -10.08
N VAL B 412 -5.74 6.86 -9.94
CA VAL B 412 -6.61 5.80 -10.43
C VAL B 412 -7.91 5.78 -9.63
N LYS B 413 -7.78 5.84 -8.30
CA LYS B 413 -8.94 5.82 -7.42
C LYS B 413 -9.84 7.04 -7.62
N GLY B 414 -9.22 8.20 -7.84
CA GLY B 414 -9.99 9.43 -8.03
C GLY B 414 -10.65 9.55 -9.40
N LYS B 415 -10.25 8.71 -10.33
CA LYS B 415 -10.79 8.71 -11.69
C LYS B 415 -10.54 10.03 -12.41
N TYR B 416 -9.38 10.63 -12.14
CA TYR B 416 -9.01 11.91 -12.74
C TYR B 416 -8.55 11.77 -14.19
N VAL B 417 -7.95 10.63 -14.51
CA VAL B 417 -7.41 10.39 -15.84
C VAL B 417 -8.47 10.23 -16.93
N MET B 418 -8.45 11.16 -17.89
CA MET B 418 -9.40 11.14 -18.99
C MET B 418 -9.04 10.08 -20.02
N PRO B 419 -10.02 9.29 -20.46
CA PRO B 419 -9.74 8.26 -21.46
C PRO B 419 -9.20 8.97 -22.69
N GLY B 420 -8.15 8.43 -23.29
CA GLY B 420 -7.57 9.07 -24.46
C GLY B 420 -8.28 8.80 -25.77
N PHE B 421 -8.07 9.71 -26.71
CA PHE B 421 -8.63 9.60 -28.05
C PHE B 421 -7.86 8.47 -28.71
N GLU B 422 -8.57 7.50 -29.28
CA GLU B 422 -7.94 6.35 -29.92
C GLU B 422 -7.78 6.51 -31.42
N GLY B 423 -8.25 7.63 -31.96
CA GLY B 423 -8.14 7.86 -33.39
C GLY B 423 -9.33 7.35 -34.17
N VAL B 424 -9.35 7.64 -35.47
CA VAL B 424 -10.45 7.21 -36.33
C VAL B 424 -9.87 6.50 -37.55
N ASN B 425 -10.70 5.69 -38.20
CA ASN B 425 -10.28 4.94 -39.38
C ASN B 425 -10.83 5.58 -40.66
N MET B 426 -10.06 6.48 -41.24
CA MET B 426 -10.47 7.18 -42.45
C MET B 426 -10.25 6.39 -43.72
N THR B 427 -10.97 6.77 -44.77
CA THR B 427 -10.83 6.13 -46.07
C THR B 427 -9.64 6.82 -46.72
N ARG B 428 -9.20 6.29 -47.86
CA ARG B 428 -8.07 6.88 -48.57
C ARG B 428 -8.35 8.36 -48.87
N GLU B 429 -9.55 8.63 -49.37
CA GLU B 429 -9.95 9.98 -49.72
C GLU B 429 -10.03 10.94 -48.53
N GLU B 430 -10.52 10.46 -47.38
CA GLU B 430 -10.61 11.28 -46.18
C GLU B 430 -9.20 11.57 -45.65
N ARG B 431 -8.37 10.55 -45.65
CA ARG B 431 -6.99 10.64 -45.17
C ARG B 431 -6.18 11.62 -46.00
N ALA B 432 -6.48 11.69 -47.30
CA ALA B 432 -5.76 12.61 -48.18
C ALA B 432 -5.95 14.05 -47.73
N ILE B 433 -7.14 14.37 -47.25
CA ILE B 433 -7.43 15.72 -46.76
C ILE B 433 -6.61 15.96 -45.50
N TYR B 434 -6.60 14.98 -44.62
CA TYR B 434 -5.83 15.07 -43.38
C TYR B 434 -4.35 15.29 -43.68
N ASP B 435 -3.81 14.53 -44.63
CA ASP B 435 -2.40 14.66 -45.00
C ASP B 435 -2.09 16.00 -45.66
N LYS B 436 -3.09 16.58 -46.32
CA LYS B 436 -2.88 17.84 -47.00
C LYS B 436 -2.83 19.06 -46.08
N TYR B 437 -3.65 19.04 -45.02
CA TYR B 437 -3.75 20.19 -44.13
C TYR B 437 -3.34 20.11 -42.66
N TRP B 438 -3.53 18.97 -42.01
CA TRP B 438 -3.23 18.90 -40.58
C TRP B 438 -1.86 19.40 -40.11
N ALA B 439 -0.77 18.91 -40.71
CA ALA B 439 0.55 19.35 -40.29
C ALA B 439 0.69 20.87 -40.36
N ASP B 440 0.15 21.48 -41.41
CA ASP B 440 0.22 22.93 -41.57
C ASP B 440 -0.57 23.64 -40.47
N VAL B 441 -1.77 23.13 -40.20
CA VAL B 441 -2.62 23.72 -39.17
C VAL B 441 -1.97 23.63 -37.81
N ARG B 442 -1.40 22.47 -37.50
CA ARG B 442 -0.78 22.26 -36.20
C ARG B 442 0.39 23.21 -35.97
N THR B 443 1.20 23.41 -37.01
CA THR B 443 2.34 24.31 -36.91
C THR B 443 1.86 25.74 -36.67
N TYR B 444 0.81 26.15 -37.38
CA TYR B 444 0.26 27.49 -37.23
C TYR B 444 -0.30 27.68 -35.82
N MET B 445 -1.00 26.66 -35.33
CA MET B 445 -1.58 26.72 -33.99
C MET B 445 -0.51 26.94 -32.93
N TYR B 446 0.56 26.14 -32.99
CA TYR B 446 1.63 26.27 -32.01
C TYR B 446 2.29 27.64 -32.08
N GLU B 447 2.51 28.14 -33.29
CA GLU B 447 3.14 29.46 -33.44
C GLU B 447 2.27 30.54 -32.78
N MET B 448 0.97 30.49 -33.03
CA MET B 448 0.06 31.47 -32.44
C MET B 448 0.01 31.29 -30.93
N GLY B 449 -0.03 30.04 -30.49
CA GLY B 449 -0.07 29.75 -29.07
C GLY B 449 1.13 30.32 -28.34
N GLN B 450 2.31 30.17 -28.91
CA GLN B 450 3.52 30.68 -28.28
C GLN B 450 3.46 32.20 -28.19
N ALA B 451 2.99 32.83 -29.25
CA ALA B 451 2.87 34.29 -29.27
C ALA B 451 1.91 34.76 -28.18
N TRP B 452 0.82 34.03 -27.98
CA TRP B 452 -0.15 34.39 -26.95
C TRP B 452 0.44 34.26 -25.55
N VAL B 453 1.17 33.17 -25.32
CA VAL B 453 1.77 32.95 -24.00
C VAL B 453 2.82 34.01 -23.71
N MET B 454 3.69 34.27 -24.69
CA MET B 454 4.76 35.25 -24.53
C MET B 454 4.27 36.69 -24.56
N GLY B 455 3.00 36.88 -24.91
CA GLY B 455 2.43 38.22 -24.95
C GLY B 455 2.74 39.09 -26.16
N THR B 456 3.26 38.50 -27.23
CA THR B 456 3.58 39.27 -28.43
C THR B 456 2.34 39.50 -29.28
N LYS B 457 1.27 38.77 -28.96
CA LYS B 457 -0.01 38.88 -29.65
C LYS B 457 -1.10 38.72 -28.60
N ASP B 458 -2.15 39.51 -28.70
CA ASP B 458 -3.26 39.46 -27.75
C ASP B 458 -4.29 38.43 -28.19
N VAL B 459 -4.71 37.58 -27.24
CA VAL B 459 -5.68 36.52 -27.51
C VAL B 459 -7.00 37.04 -28.11
N ASP B 460 -7.70 37.89 -27.36
CA ASP B 460 -8.97 38.43 -27.81
C ASP B 460 -8.90 39.18 -29.13
N LYS B 461 -7.88 40.02 -29.27
CA LYS B 461 -7.73 40.82 -30.49
C LYS B 461 -7.34 40.04 -31.74
N THR B 462 -6.85 38.82 -31.58
CA THR B 462 -6.47 38.03 -32.74
C THR B 462 -7.27 36.73 -32.91
N TRP B 463 -8.21 36.48 -32.00
CA TRP B 463 -9.00 35.26 -32.08
C TRP B 463 -9.78 35.10 -33.39
N ASP B 464 -10.41 36.18 -33.85
CA ASP B 464 -11.17 36.12 -35.10
C ASP B 464 -10.24 35.84 -36.28
N GLU B 465 -9.07 36.46 -36.25
CA GLU B 465 -8.07 36.26 -37.29
C GLU B 465 -7.63 34.80 -37.28
N TYR B 466 -7.38 34.31 -36.07
CA TYR B 466 -6.97 32.93 -35.84
C TYR B 466 -8.01 31.97 -36.43
N GLN B 467 -9.28 32.22 -36.15
CA GLN B 467 -10.35 31.38 -36.67
C GLN B 467 -10.41 31.42 -38.19
N ARG B 468 -10.19 32.60 -38.79
CA ARG B 468 -10.22 32.68 -40.24
C ARG B 468 -9.12 31.79 -40.80
N GLN B 469 -7.95 31.86 -40.19
CA GLN B 469 -6.80 31.07 -40.60
C GLN B 469 -7.05 29.57 -40.49
N LEU B 470 -7.69 29.14 -39.41
CA LEU B 470 -7.97 27.72 -39.23
C LEU B 470 -8.83 27.20 -40.38
N LYS B 471 -9.81 28.01 -40.79
CA LYS B 471 -10.70 27.61 -41.86
C LYS B 471 -9.99 27.56 -43.22
N LEU B 472 -9.27 28.62 -43.57
CA LEU B 472 -8.58 28.64 -44.85
C LEU B 472 -7.37 27.69 -44.91
N ARG B 473 -7.01 27.14 -43.76
CA ARG B 473 -5.90 26.18 -43.71
C ARG B 473 -6.48 24.76 -43.73
N GLY B 474 -7.81 24.67 -43.77
CA GLY B 474 -8.48 23.38 -43.86
C GLY B 474 -8.84 22.60 -42.60
N LEU B 475 -8.68 23.19 -41.42
CA LEU B 475 -8.99 22.46 -40.20
C LEU B 475 -10.40 21.90 -40.16
N TYR B 476 -11.38 22.72 -40.53
CA TYR B 476 -12.75 22.25 -40.49
C TYR B 476 -13.09 21.19 -41.54
N GLN B 477 -12.34 21.15 -42.64
CA GLN B 477 -12.60 20.10 -43.63
C GLN B 477 -12.01 18.80 -43.06
N VAL B 478 -10.86 18.93 -42.38
CA VAL B 478 -10.23 17.76 -41.77
C VAL B 478 -11.16 17.17 -40.72
N LEU B 479 -11.76 18.04 -39.91
CA LEU B 479 -12.69 17.60 -38.87
C LEU B 479 -13.89 16.88 -39.48
N GLN B 480 -14.39 17.39 -40.61
CA GLN B 480 -15.53 16.76 -41.27
C GLN B 480 -15.17 15.35 -41.73
N MET B 481 -13.96 15.19 -42.29
CA MET B 481 -13.51 13.89 -42.75
C MET B 481 -13.39 12.94 -41.57
N MET B 482 -12.88 13.44 -40.45
CA MET B 482 -12.72 12.63 -39.26
C MET B 482 -14.07 12.28 -38.64
N GLN B 483 -15.03 13.20 -38.76
CA GLN B 483 -16.36 12.96 -38.22
C GLN B 483 -17.03 11.82 -39.00
N GLN B 484 -16.82 11.79 -40.31
CA GLN B 484 -17.41 10.74 -41.14
C GLN B 484 -16.83 9.39 -40.71
N ALA B 485 -15.51 9.35 -40.50
CA ALA B 485 -14.85 8.12 -40.08
C ALA B 485 -15.33 7.69 -38.70
N TYR B 486 -15.50 8.64 -37.80
CA TYR B 486 -15.96 8.33 -36.44
C TYR B 486 -17.36 7.72 -36.48
N ASP B 487 -18.27 8.33 -37.23
CA ASP B 487 -19.64 7.84 -37.33
C ASP B 487 -19.70 6.43 -37.91
N ARG B 488 -18.78 6.14 -38.81
CA ARG B 488 -18.72 4.83 -39.45
C ARG B 488 -18.42 3.76 -38.41
N GLN B 489 -17.56 4.07 -37.45
CA GLN B 489 -17.17 3.13 -36.42
C GLN B 489 -18.05 3.10 -35.17
N TYR B 490 -18.45 4.26 -34.67
CA TYR B 490 -19.24 4.31 -33.45
C TYR B 490 -20.72 4.66 -33.59
N LYS B 491 -21.13 5.21 -34.72
CA LYS B 491 -22.53 5.58 -34.91
C LYS B 491 -23.22 4.78 -36.00
N ASN B 492 -24.47 5.12 -36.27
CA ASN B 492 -25.28 4.45 -37.28
C ASN B 492 -25.13 2.94 -37.23
#